data_2Z06
#
_entry.id   2Z06
#
_cell.length_a   76.602
_cell.length_b   110.928
_cell.length_c   116.273
_cell.angle_alpha   90.00
_cell.angle_beta   90.00
_cell.angle_gamma   90.00
#
_symmetry.space_group_name_H-M   'P 21 21 21'
#
loop_
_entity.id
_entity.type
_entity.pdbx_description
1 polymer 'Putative uncharacterized protein TTHA0625'
2 non-polymer 'COBALT (II) ION'
3 water water
#
_entity_poly.entity_id   1
_entity_poly.type   'polypeptide(L)'
_entity_poly.pdbx_seq_one_letter_code
;MRVLFIGDVMAEPGLRAVGLHLPDIRDRYDLVIANGENAARGKGLDRRSYRLLREAGVDLVSLGNHAWDHKEVYALLESE
PVVRPLNYPPGTPGKGFWRLEVGGESLLFVQVMGRIFMDPLDDPFRALDRLLEEEKADYVLVEVHAEATSEKMALAHYLD
GRASAVLGTHTHVPTLDATRLPKGTLYQTDVGMTGTYHSIIGGEVETFLARFLTGRPQPFRAAQGKARFHATELVFEGGR
PVAISPYVWEEP
;
_entity_poly.pdbx_strand_id   A,B,C,D
#
loop_
_chem_comp.id
_chem_comp.type
_chem_comp.name
_chem_comp.formula
CO non-polymer 'COBALT (II) ION' 'Co 2'
#
# COMPACT_ATOMS: atom_id res chain seq x y z
N MET A 1 23.73 -31.51 -6.81
CA MET A 1 24.26 -31.03 -8.14
C MET A 1 25.02 -29.67 -8.12
N ARG A 2 25.43 -29.19 -9.30
CA ARG A 2 25.96 -27.82 -9.42
C ARG A 2 25.06 -26.93 -10.27
N VAL A 3 24.41 -25.99 -9.62
CA VAL A 3 23.31 -25.23 -10.24
C VAL A 3 23.69 -23.78 -10.35
N LEU A 4 23.44 -23.18 -11.50
CA LEU A 4 23.59 -21.75 -11.57
C LEU A 4 22.21 -21.02 -11.65
N PHE A 5 21.93 -20.09 -10.72
CA PHE A 5 20.72 -19.28 -10.80
C PHE A 5 20.92 -17.80 -11.25
N ILE A 6 20.31 -17.44 -12.37
CA ILE A 6 20.57 -16.14 -12.93
C ILE A 6 19.52 -15.10 -12.65
N GLY A 7 19.94 -14.04 -12.00
CA GLY A 7 19.12 -12.88 -11.63
C GLY A 7 18.41 -12.19 -12.78
N ASP A 8 17.28 -11.62 -12.45
CA ASP A 8 16.33 -11.13 -13.44
C ASP A 8 16.96 -10.61 -14.67
N VAL A 9 16.66 -11.28 -15.79
CA VAL A 9 17.12 -10.84 -17.14
C VAL A 9 16.32 -9.63 -17.68
N MET A 10 16.95 -8.48 -17.62
CA MET A 10 16.31 -7.23 -17.88
C MET A 10 16.50 -6.72 -19.32
N ALA A 11 15.43 -6.82 -20.12
CA ALA A 11 15.39 -6.22 -21.45
C ALA A 11 16.61 -6.60 -22.35
N GLU A 12 16.96 -5.75 -23.35
CA GLU A 12 18.02 -6.15 -24.33
C GLU A 12 19.44 -6.30 -23.78
N PRO A 13 19.87 -5.39 -22.94
CA PRO A 13 21.17 -5.63 -22.33
C PRO A 13 21.31 -6.89 -21.51
N GLY A 14 20.24 -7.14 -20.74
CA GLY A 14 20.29 -8.37 -19.95
C GLY A 14 20.36 -9.62 -20.82
N LEU A 15 19.64 -9.58 -21.93
CA LEU A 15 19.60 -10.69 -22.86
C LEU A 15 20.99 -10.87 -23.53
N ARG A 16 21.61 -9.75 -23.88
CA ARG A 16 22.92 -9.79 -24.51
C ARG A 16 23.92 -10.36 -23.52
N ALA A 17 23.84 -9.91 -22.27
CA ALA A 17 24.72 -10.37 -21.21
C ALA A 17 24.68 -11.88 -21.08
N VAL A 18 23.48 -12.45 -21.08
CA VAL A 18 23.34 -13.90 -20.96
C VAL A 18 23.83 -14.63 -22.21
N GLY A 19 23.46 -14.12 -23.38
CA GLY A 19 23.85 -14.76 -24.63
C GLY A 19 25.34 -14.71 -24.87
N LEU A 20 25.95 -13.60 -24.50
CA LEU A 20 27.37 -13.39 -24.70
C LEU A 20 28.25 -14.13 -23.71
N HIS A 21 27.82 -14.24 -22.46
CA HIS A 21 28.64 -14.88 -21.44
C HIS A 21 28.27 -16.28 -20.97
N LEU A 22 26.98 -16.58 -20.86
CA LEU A 22 26.56 -17.90 -20.39
C LEU A 22 27.25 -19.06 -21.12
N PRO A 23 27.42 -18.95 -22.45
CA PRO A 23 28.07 -20.03 -23.20
C PRO A 23 29.46 -20.38 -22.63
N ASP A 24 30.18 -19.35 -22.20
CA ASP A 24 31.52 -19.50 -21.67
C ASP A 24 31.66 -20.22 -20.34
N ILE A 25 30.64 -20.18 -19.48
CA ILE A 25 30.75 -20.88 -18.20
C ILE A 25 29.72 -21.99 -18.08
N ARG A 26 28.94 -22.19 -19.15
CA ARG A 26 27.90 -23.20 -19.17
C ARG A 26 28.35 -24.59 -18.74
N ASP A 27 29.54 -24.99 -19.18
CA ASP A 27 30.07 -26.30 -18.85
C ASP A 27 30.43 -26.53 -17.38
N ARG A 28 30.39 -25.47 -16.57
CA ARG A 28 30.71 -25.58 -15.15
C ARG A 28 29.48 -25.94 -14.33
N TYR A 29 28.31 -26.03 -14.97
CA TYR A 29 27.10 -26.34 -14.24
C TYR A 29 26.28 -27.48 -14.82
N ASP A 30 25.50 -28.12 -13.96
CA ASP A 30 24.64 -29.21 -14.39
C ASP A 30 23.30 -28.65 -14.82
N LEU A 31 22.85 -27.63 -14.09
CA LEU A 31 21.58 -26.97 -14.37
C LEU A 31 21.70 -25.45 -14.28
N VAL A 32 21.10 -24.77 -15.25
CA VAL A 32 21.11 -23.31 -15.27
C VAL A 32 19.68 -22.78 -15.36
N ILE A 33 19.29 -22.07 -14.31
CA ILE A 33 17.96 -21.50 -14.22
C ILE A 33 18.05 -19.98 -14.26
N ALA A 34 17.06 -19.34 -14.87
CA ALA A 34 17.09 -17.90 -14.95
C ALA A 34 15.73 -17.26 -14.84
N ASN A 35 15.66 -16.15 -14.12
CA ASN A 35 14.41 -15.41 -13.99
C ASN A 35 14.31 -14.54 -15.25
N GLY A 36 13.28 -14.78 -16.05
CA GLY A 36 13.11 -14.03 -17.28
C GLY A 36 11.89 -13.12 -17.30
N GLU A 37 11.45 -12.68 -16.13
CA GLU A 37 10.28 -11.83 -16.03
C GLU A 37 10.35 -10.44 -16.72
N ASN A 38 11.55 -9.99 -17.03
CA ASN A 38 11.74 -8.71 -17.70
C ASN A 38 12.49 -8.88 -19.03
N ALA A 39 12.67 -10.13 -19.45
CA ALA A 39 13.39 -10.44 -20.67
C ALA A 39 12.90 -9.75 -21.95
N ALA A 40 11.58 -9.55 -22.07
CA ALA A 40 11.02 -8.92 -23.27
C ALA A 40 10.94 -7.40 -23.18
N ARG A 41 12.01 -6.72 -23.59
CA ARG A 41 12.03 -5.25 -23.54
C ARG A 41 11.75 -4.73 -22.15
N GLY A 42 11.99 -5.56 -21.14
CA GLY A 42 11.76 -5.15 -19.76
C GLY A 42 10.39 -5.54 -19.20
N LYS A 43 9.52 -6.08 -20.04
CA LYS A 43 8.18 -6.46 -19.60
C LYS A 43 7.75 -7.86 -20.04
N GLY A 44 7.71 -8.79 -19.10
CA GLY A 44 7.30 -10.13 -19.43
C GLY A 44 8.25 -10.93 -20.30
N LEU A 45 7.74 -11.99 -20.88
CA LEU A 45 8.51 -12.87 -21.73
C LEU A 45 7.77 -13.24 -23.01
N ASP A 46 8.49 -13.28 -24.12
CA ASP A 46 7.88 -13.68 -25.38
C ASP A 46 8.78 -14.75 -26.01
N ARG A 47 8.33 -15.30 -27.12
CA ARG A 47 9.05 -16.35 -27.80
C ARG A 47 10.49 -16.00 -28.15
N ARG A 48 10.73 -14.81 -28.69
CA ARG A 48 12.09 -14.42 -29.05
C ARG A 48 12.96 -14.38 -27.79
N SER A 49 12.49 -13.70 -26.74
CA SER A 49 13.23 -13.63 -25.47
C SER A 49 13.57 -15.03 -25.01
N TYR A 50 12.56 -15.89 -25.01
CA TYR A 50 12.71 -17.27 -24.56
C TYR A 50 13.74 -18.08 -25.36
N ARG A 51 13.65 -18.02 -26.68
CA ARG A 51 14.59 -18.76 -27.52
C ARG A 51 16.02 -18.29 -27.24
N LEU A 52 16.22 -16.98 -27.16
CA LEU A 52 17.57 -16.47 -26.88
C LEU A 52 18.15 -17.04 -25.60
N LEU A 53 17.38 -17.00 -24.51
CA LEU A 53 17.86 -17.52 -23.23
C LEU A 53 18.21 -19.00 -23.39
N ARG A 54 17.32 -19.78 -24.02
CA ARG A 54 17.56 -21.20 -24.23
C ARG A 54 18.84 -21.42 -25.04
N GLU A 55 18.98 -20.66 -26.11
CA GLU A 55 20.15 -20.78 -26.98
C GLU A 55 21.43 -20.50 -26.20
N ALA A 56 21.33 -19.67 -25.16
CA ALA A 56 22.50 -19.34 -24.35
C ALA A 56 22.88 -20.48 -23.44
N GLY A 57 21.93 -21.38 -23.15
CA GLY A 57 22.22 -22.50 -22.27
C GLY A 57 21.32 -22.56 -21.04
N VAL A 58 20.28 -21.75 -21.01
CA VAL A 58 19.36 -21.74 -19.87
C VAL A 58 18.40 -22.94 -19.97
N ASP A 59 18.29 -23.69 -18.87
CA ASP A 59 17.43 -24.88 -18.85
C ASP A 59 16.00 -24.64 -18.41
N LEU A 60 15.77 -23.58 -17.66
CA LEU A 60 14.44 -23.29 -17.13
C LEU A 60 14.30 -21.79 -16.85
N VAL A 61 13.15 -21.23 -17.21
CA VAL A 61 12.89 -19.80 -16.99
C VAL A 61 11.69 -19.59 -16.08
N SER A 62 11.85 -18.73 -15.09
CA SER A 62 10.78 -18.43 -14.13
C SER A 62 10.30 -17.01 -14.38
N LEU A 63 9.09 -16.69 -13.94
CA LEU A 63 8.57 -15.34 -14.16
C LEU A 63 8.34 -14.48 -12.92
N GLY A 64 7.09 -14.09 -12.72
CA GLY A 64 6.75 -13.24 -11.60
C GLY A 64 5.55 -12.39 -11.95
N ASN A 65 5.53 -11.16 -11.44
CA ASN A 65 4.41 -10.24 -11.67
C ASN A 65 4.17 -9.84 -13.13
N HIS A 66 5.22 -9.76 -13.93
CA HIS A 66 5.05 -9.38 -15.34
C HIS A 66 4.81 -10.59 -16.25
N ALA A 67 4.67 -11.77 -15.67
CA ALA A 67 4.46 -13.00 -16.44
C ALA A 67 3.40 -12.94 -17.55
N TRP A 68 2.33 -12.18 -17.31
CA TRP A 68 1.21 -12.11 -18.26
C TRP A 68 1.18 -10.94 -19.24
N ASP A 69 2.30 -10.24 -19.38
CA ASP A 69 2.33 -9.09 -20.29
C ASP A 69 2.19 -9.47 -21.77
N HIS A 70 2.70 -10.64 -22.16
CA HIS A 70 2.61 -11.08 -23.56
C HIS A 70 1.86 -12.40 -23.71
N LYS A 71 0.89 -12.42 -24.62
CA LYS A 71 0.10 -13.63 -24.84
C LYS A 71 0.93 -14.81 -25.33
N GLU A 72 2.12 -14.52 -25.88
CA GLU A 72 2.99 -15.60 -26.34
C GLU A 72 3.48 -16.46 -25.19
N VAL A 73 3.39 -15.96 -23.96
CA VAL A 73 3.84 -16.72 -22.80
C VAL A 73 3.01 -17.99 -22.57
N TYR A 74 1.75 -17.96 -22.99
CA TYR A 74 0.86 -19.11 -22.81
C TYR A 74 1.36 -20.36 -23.49
N ALA A 75 1.78 -20.26 -24.74
CA ALA A 75 2.30 -21.40 -25.46
C ALA A 75 3.53 -21.89 -24.72
N LEU A 76 4.34 -20.95 -24.25
CA LEU A 76 5.55 -21.26 -23.51
C LEU A 76 5.22 -21.98 -22.21
N LEU A 77 4.31 -21.41 -21.43
CA LEU A 77 3.90 -22.03 -20.17
C LEU A 77 3.34 -23.43 -20.45
N GLU A 78 2.62 -23.55 -21.56
CA GLU A 78 1.98 -24.81 -21.97
C GLU A 78 2.89 -25.96 -22.35
N SER A 79 3.99 -25.68 -23.06
CA SER A 79 4.85 -26.79 -23.47
C SER A 79 6.36 -26.64 -23.31
N GLU A 80 6.81 -25.54 -22.71
CA GLU A 80 8.24 -25.30 -22.52
C GLU A 80 8.61 -25.28 -21.03
N PRO A 81 9.92 -25.36 -20.73
CA PRO A 81 10.36 -25.34 -19.33
C PRO A 81 10.40 -23.90 -18.82
N VAL A 82 9.20 -23.37 -18.55
CA VAL A 82 8.99 -22.02 -18.06
C VAL A 82 7.99 -22.12 -16.92
N VAL A 83 8.25 -21.44 -15.82
CA VAL A 83 7.33 -21.52 -14.69
C VAL A 83 6.86 -20.17 -14.18
N ARG A 84 5.74 -20.16 -13.48
CA ARG A 84 5.19 -18.94 -12.90
C ARG A 84 4.96 -19.15 -11.40
N PRO A 85 4.71 -18.07 -10.64
CA PRO A 85 4.50 -18.24 -9.19
C PRO A 85 3.47 -19.30 -8.78
N LEU A 86 3.93 -20.22 -7.93
CA LEU A 86 3.09 -21.29 -7.41
C LEU A 86 1.86 -20.66 -6.75
N ASN A 87 2.14 -19.54 -6.10
CA ASN A 87 0.97 -19.12 -5.33
C ASN A 87 -0.12 -18.27 -5.99
N TYR A 88 -0.23 -18.36 -7.31
CA TYR A 88 -1.45 -17.96 -8.00
C TYR A 88 -2.59 -18.92 -7.70
N PRO A 89 -3.83 -18.43 -7.74
CA PRO A 89 -5.03 -19.23 -7.47
C PRO A 89 -5.31 -20.29 -8.52
N PRO A 90 -6.25 -21.21 -8.22
CA PRO A 90 -6.60 -22.28 -9.17
C PRO A 90 -7.07 -21.66 -10.48
N GLY A 91 -6.88 -22.36 -11.59
CA GLY A 91 -7.32 -21.83 -12.86
C GLY A 91 -6.32 -20.86 -13.48
N THR A 92 -5.06 -20.96 -13.04
CA THR A 92 -3.99 -20.12 -13.54
C THR A 92 -3.17 -20.92 -14.57
N PRO A 93 -2.97 -20.36 -15.77
CA PRO A 93 -2.21 -21.00 -16.85
C PRO A 93 -0.82 -21.42 -16.36
N GLY A 94 -0.27 -22.47 -16.95
CA GLY A 94 1.06 -22.93 -16.59
C GLY A 94 1.24 -23.61 -15.25
N LYS A 95 2.47 -24.04 -14.98
CA LYS A 95 2.78 -24.71 -13.72
C LYS A 95 3.54 -23.80 -12.79
N GLY A 96 3.41 -24.06 -11.50
CA GLY A 96 4.12 -23.26 -10.51
C GLY A 96 5.37 -23.92 -9.98
N PHE A 97 5.81 -24.98 -10.65
CA PHE A 97 7.02 -25.69 -10.23
C PHE A 97 7.56 -26.57 -11.34
N TRP A 98 8.83 -26.95 -11.24
CA TRP A 98 9.41 -27.78 -12.27
C TRP A 98 10.50 -28.68 -11.71
N ARG A 99 10.34 -29.97 -11.94
CA ARG A 99 11.32 -30.94 -11.47
C ARG A 99 12.32 -31.23 -12.56
N LEU A 100 13.50 -30.62 -12.48
CA LEU A 100 14.54 -30.84 -13.48
C LEU A 100 15.23 -32.17 -13.24
N GLU A 101 15.78 -32.74 -14.29
CA GLU A 101 16.43 -34.03 -14.18
C GLU A 101 17.79 -33.94 -14.86
N VAL A 102 18.82 -34.43 -14.19
CA VAL A 102 20.15 -34.39 -14.77
C VAL A 102 21.01 -35.53 -14.21
N GLY A 103 21.68 -36.24 -15.13
CA GLY A 103 22.54 -37.35 -14.72
C GLY A 103 21.99 -38.22 -13.60
N GLY A 104 20.69 -38.52 -13.66
CA GLY A 104 20.10 -39.36 -12.64
C GLY A 104 19.62 -38.70 -11.35
N GLU A 105 20.02 -37.46 -11.10
CA GLU A 105 19.59 -36.74 -9.89
C GLU A 105 18.44 -35.80 -10.24
N SER A 106 17.61 -35.46 -9.26
CA SER A 106 16.49 -34.55 -9.53
C SER A 106 16.57 -33.26 -8.72
N LEU A 107 16.06 -32.18 -9.30
CA LEU A 107 16.05 -30.89 -8.61
C LEU A 107 14.68 -30.27 -8.76
N LEU A 108 13.97 -30.13 -7.66
CA LEU A 108 12.66 -29.52 -7.70
C LEU A 108 12.81 -28.01 -7.61
N PHE A 109 12.44 -27.29 -8.66
CA PHE A 109 12.51 -25.84 -8.62
C PHE A 109 11.13 -25.27 -8.43
N VAL A 110 10.99 -24.36 -7.48
CA VAL A 110 9.71 -23.71 -7.20
C VAL A 110 9.89 -22.22 -7.00
N GLN A 111 8.95 -21.45 -7.55
CA GLN A 111 8.98 -20.01 -7.40
C GLN A 111 7.71 -19.58 -6.70
N VAL A 112 7.86 -18.78 -5.65
CA VAL A 112 6.73 -18.24 -4.91
C VAL A 112 6.82 -16.72 -4.99
N MET A 113 5.68 -16.06 -4.85
CA MET A 113 5.68 -14.61 -4.90
C MET A 113 5.20 -14.03 -3.58
N GLY A 114 5.92 -13.04 -3.05
CA GLY A 114 5.53 -12.42 -1.79
C GLY A 114 4.24 -11.63 -1.92
N ARG A 115 3.63 -11.29 -0.79
CA ARG A 115 2.38 -10.52 -0.81
C ARG A 115 2.49 -9.11 -0.23
N ILE A 116 3.51 -8.86 0.59
CA ILE A 116 3.70 -7.53 1.18
C ILE A 116 4.13 -6.54 0.10
N PHE A 117 3.38 -5.45 -0.02
CA PHE A 117 3.61 -4.39 -1.00
C PHE A 117 3.42 -4.92 -2.41
N MET A 118 2.65 -6.00 -2.52
CA MET A 118 2.39 -6.62 -3.82
C MET A 118 0.93 -7.02 -3.91
N ASP A 119 0.56 -7.70 -4.99
CA ASP A 119 -0.82 -8.11 -5.17
C ASP A 119 -1.28 -9.23 -4.24
N PRO A 120 -2.58 -9.25 -3.92
CA PRO A 120 -3.15 -10.28 -3.05
C PRO A 120 -3.14 -11.63 -3.74
N LEU A 121 -2.32 -12.56 -3.26
CA LEU A 121 -2.26 -13.91 -3.84
C LEU A 121 -2.46 -14.92 -2.72
N ASP A 122 -2.34 -16.21 -3.04
CA ASP A 122 -2.50 -17.23 -2.02
C ASP A 122 -1.29 -17.26 -1.13
N ASP A 123 -1.49 -17.80 0.07
CA ASP A 123 -0.45 -17.94 1.08
C ASP A 123 0.71 -18.79 0.53
N PRO A 124 1.88 -18.18 0.32
CA PRO A 124 3.04 -18.91 -0.21
C PRO A 124 3.57 -19.92 0.78
N PHE A 125 3.47 -19.63 2.07
CA PHE A 125 3.98 -20.57 3.06
C PHE A 125 3.23 -21.90 2.95
N ARG A 126 1.91 -21.86 3.03
CA ARG A 126 1.15 -23.10 2.94
C ARG A 126 1.06 -23.61 1.50
N ALA A 127 1.32 -22.73 0.53
CA ALA A 127 1.31 -23.17 -0.86
C ALA A 127 2.49 -24.13 -0.98
N LEU A 128 3.63 -23.72 -0.43
CA LEU A 128 4.83 -24.56 -0.47
C LEU A 128 4.62 -25.89 0.26
N ASP A 129 3.94 -25.85 1.40
CA ASP A 129 3.70 -27.05 2.18
C ASP A 129 3.00 -28.11 1.36
N ARG A 130 1.92 -27.73 0.69
CA ARG A 130 1.16 -28.68 -0.12
C ARG A 130 2.00 -29.27 -1.23
N LEU A 131 2.78 -28.43 -1.89
CA LEU A 131 3.61 -28.88 -2.98
C LEU A 131 4.65 -29.86 -2.48
N LEU A 132 5.46 -29.44 -1.51
CA LEU A 132 6.50 -30.27 -0.95
C LEU A 132 6.03 -31.56 -0.29
N GLU A 133 4.73 -31.65 0.00
CA GLU A 133 4.18 -32.86 0.62
C GLU A 133 4.06 -33.96 -0.44
N GLU A 134 3.68 -33.56 -1.64
CA GLU A 134 3.49 -34.49 -2.75
C GLU A 134 4.66 -34.54 -3.73
N GLU A 135 5.46 -33.48 -3.78
CA GLU A 135 6.59 -33.43 -4.70
C GLU A 135 7.92 -33.61 -4.01
N LYS A 136 8.60 -34.68 -4.39
CA LYS A 136 9.90 -35.03 -3.84
C LYS A 136 10.99 -35.00 -4.91
N ALA A 137 12.21 -34.70 -4.47
CA ALA A 137 13.36 -34.64 -5.36
C ALA A 137 14.62 -34.77 -4.51
N ASP A 138 15.76 -34.93 -5.16
CA ASP A 138 17.01 -35.05 -4.43
C ASP A 138 17.35 -33.71 -3.78
N TYR A 139 17.02 -32.64 -4.48
CA TYR A 139 17.28 -31.29 -3.98
C TYR A 139 16.11 -30.36 -4.33
N VAL A 140 15.95 -29.29 -3.55
CA VAL A 140 14.88 -28.33 -3.76
C VAL A 140 15.40 -26.90 -3.76
N LEU A 141 15.04 -26.13 -4.80
CA LEU A 141 15.44 -24.73 -4.90
C LEU A 141 14.21 -23.86 -4.99
N VAL A 142 14.07 -22.95 -4.05
CA VAL A 142 12.91 -22.08 -4.07
C VAL A 142 13.35 -20.64 -4.32
N GLU A 143 12.69 -19.99 -5.28
CA GLU A 143 12.97 -18.60 -5.59
C GLU A 143 11.82 -17.85 -4.97
N VAL A 144 12.13 -16.78 -4.22
CA VAL A 144 11.08 -16.00 -3.61
C VAL A 144 11.08 -14.61 -4.22
N HIS A 145 10.10 -14.38 -5.09
CA HIS A 145 9.95 -13.12 -5.78
C HIS A 145 9.13 -12.22 -4.87
N ALA A 146 9.82 -11.35 -4.13
CA ALA A 146 9.15 -10.47 -3.19
C ALA A 146 9.82 -9.13 -2.96
N GLU A 147 9.04 -8.20 -2.45
CA GLU A 147 9.52 -6.86 -2.17
C GLU A 147 10.19 -6.80 -0.79
N ALA A 148 9.47 -7.26 0.24
CA ALA A 148 9.95 -7.19 1.61
C ALA A 148 10.98 -8.22 2.05
N THR A 149 12.05 -7.73 2.65
CA THR A 149 13.12 -8.57 3.15
C THR A 149 12.59 -9.49 4.26
N SER A 150 11.70 -8.97 5.09
CA SER A 150 11.18 -9.77 6.18
C SER A 150 10.37 -10.97 5.67
N GLU A 151 9.69 -10.79 4.54
CA GLU A 151 8.88 -11.86 3.96
C GLU A 151 9.78 -12.93 3.34
N LYS A 152 10.85 -12.50 2.70
CA LYS A 152 11.78 -13.45 2.11
C LYS A 152 12.47 -14.25 3.22
N MET A 153 12.89 -13.56 4.28
CA MET A 153 13.53 -14.23 5.39
C MET A 153 12.58 -15.17 6.11
N ALA A 154 11.33 -14.76 6.24
CA ALA A 154 10.35 -15.61 6.90
C ALA A 154 10.18 -16.89 6.08
N LEU A 155 10.04 -16.74 4.76
CA LEU A 155 9.91 -17.90 3.89
C LEU A 155 11.12 -18.82 3.96
N ALA A 156 12.33 -18.24 4.01
CA ALA A 156 13.54 -19.05 4.09
C ALA A 156 13.56 -19.88 5.36
N HIS A 157 13.37 -19.22 6.51
CA HIS A 157 13.36 -19.94 7.76
C HIS A 157 12.30 -21.02 7.76
N TYR A 158 11.10 -20.69 7.27
CA TYR A 158 9.99 -21.63 7.20
C TYR A 158 10.32 -22.86 6.36
N LEU A 159 11.20 -22.70 5.38
CA LEU A 159 11.59 -23.81 4.51
C LEU A 159 12.90 -24.43 4.96
N ASP A 160 13.54 -23.85 5.97
CA ASP A 160 14.82 -24.33 6.45
C ASP A 160 14.78 -25.83 6.77
N GLY A 161 15.74 -26.57 6.20
CA GLY A 161 15.77 -28.01 6.45
C GLY A 161 14.98 -28.80 5.44
N ARG A 162 14.08 -28.11 4.74
CA ARG A 162 13.26 -28.73 3.71
C ARG A 162 13.81 -28.39 2.34
N ALA A 163 14.05 -27.10 2.10
CA ALA A 163 14.61 -26.67 0.83
C ALA A 163 16.12 -26.76 0.90
N SER A 164 16.76 -27.01 -0.25
CA SER A 164 18.20 -27.07 -0.29
C SER A 164 18.71 -25.62 -0.28
N ALA A 165 18.02 -24.76 -1.02
CA ALA A 165 18.40 -23.35 -1.10
C ALA A 165 17.19 -22.47 -1.38
N VAL A 166 17.25 -21.23 -0.90
CA VAL A 166 16.19 -20.27 -1.10
C VAL A 166 16.81 -18.95 -1.58
N LEU A 167 16.45 -18.52 -2.78
CA LEU A 167 17.00 -17.28 -3.35
C LEU A 167 15.92 -16.25 -3.64
N GLY A 168 16.21 -14.99 -3.30
CA GLY A 168 15.25 -13.93 -3.53
C GLY A 168 15.47 -13.13 -4.79
N THR A 169 14.38 -12.69 -5.40
CA THR A 169 14.44 -11.86 -6.60
C THR A 169 13.44 -10.73 -6.45
N HIS A 170 13.31 -9.93 -7.51
CA HIS A 170 12.39 -8.79 -7.61
C HIS A 170 12.96 -7.42 -7.28
N THR A 171 13.93 -7.39 -6.37
CA THR A 171 14.57 -6.15 -5.93
C THR A 171 15.57 -5.56 -6.91
N HIS A 172 16.19 -6.41 -7.72
CA HIS A 172 17.15 -5.97 -8.73
C HIS A 172 18.53 -5.52 -8.24
N VAL A 173 18.84 -5.75 -6.97
CA VAL A 173 20.14 -5.38 -6.45
C VAL A 173 20.71 -6.57 -5.69
N PRO A 174 21.91 -7.04 -6.07
CA PRO A 174 22.51 -8.18 -5.37
C PRO A 174 22.80 -7.85 -3.90
N THR A 175 22.42 -8.76 -3.01
CA THR A 175 22.66 -8.56 -1.58
C THR A 175 23.85 -9.40 -1.15
N LEU A 176 24.60 -8.91 -0.17
CA LEU A 176 25.75 -9.63 0.33
C LEU A 176 25.42 -10.29 1.66
N ASP A 177 24.58 -11.32 1.60
CA ASP A 177 24.17 -12.03 2.79
C ASP A 177 23.96 -13.51 2.48
N ALA A 178 24.67 -14.00 1.47
CA ALA A 178 24.55 -15.42 1.11
C ALA A 178 25.03 -16.15 2.35
N THR A 179 24.18 -17.02 2.89
CA THR A 179 24.53 -17.72 4.10
C THR A 179 23.88 -19.09 4.17
N ARG A 180 24.12 -19.79 5.26
CA ARG A 180 23.56 -21.12 5.50
C ARG A 180 22.76 -21.02 6.79
N LEU A 181 21.45 -21.17 6.69
CA LEU A 181 20.59 -21.09 7.86
C LEU A 181 20.85 -22.28 8.81
N PRO A 182 20.33 -22.22 10.04
CA PRO A 182 20.49 -23.27 11.05
C PRO A 182 20.35 -24.73 10.57
N LYS A 183 19.23 -25.07 9.97
CA LYS A 183 19.02 -26.44 9.51
C LYS A 183 19.70 -26.80 8.19
N GLY A 184 20.66 -25.99 7.77
CA GLY A 184 21.38 -26.30 6.53
C GLY A 184 20.95 -25.66 5.22
N THR A 185 19.77 -25.02 5.18
CA THR A 185 19.29 -24.39 3.95
C THR A 185 20.09 -23.14 3.57
N LEU A 186 20.51 -23.08 2.30
CA LEU A 186 21.28 -21.94 1.82
C LEU A 186 20.31 -20.80 1.47
N TYR A 187 20.76 -19.56 1.64
CA TYR A 187 19.92 -18.41 1.38
C TYR A 187 20.65 -17.12 0.95
N GLN A 188 19.94 -16.28 0.20
CA GLN A 188 20.44 -14.99 -0.26
C GLN A 188 19.20 -14.13 -0.51
N THR A 189 19.15 -12.95 0.12
CA THR A 189 18.01 -12.06 -0.01
C THR A 189 17.67 -11.66 -1.44
N ASP A 190 18.68 -11.37 -2.25
CA ASP A 190 18.43 -11.03 -3.64
C ASP A 190 19.64 -11.29 -4.51
N VAL A 191 19.42 -12.05 -5.57
CA VAL A 191 20.49 -12.40 -6.50
C VAL A 191 20.97 -11.20 -7.30
N GLY A 192 20.07 -10.21 -7.49
CA GLY A 192 20.42 -9.02 -8.26
C GLY A 192 19.92 -9.16 -9.69
N MET A 193 19.95 -8.05 -10.43
CA MET A 193 19.47 -8.00 -11.82
C MET A 193 20.55 -8.24 -12.89
N THR A 194 20.14 -8.79 -14.04
CA THR A 194 21.07 -9.01 -15.16
C THR A 194 20.68 -8.04 -16.27
N GLY A 195 21.48 -7.00 -16.44
CA GLY A 195 21.20 -5.99 -17.45
C GLY A 195 22.04 -4.76 -17.16
N THR A 196 21.78 -3.66 -17.86
CA THR A 196 22.58 -2.47 -17.64
C THR A 196 22.23 -1.74 -16.36
N TYR A 197 23.26 -1.37 -15.60
CA TYR A 197 23.05 -0.66 -14.36
C TYR A 197 23.12 0.84 -14.55
N HIS A 198 23.23 1.25 -15.82
CA HIS A 198 23.21 2.67 -16.18
C HIS A 198 21.71 2.89 -16.38
N SER A 199 20.97 2.78 -15.29
CA SER A 199 19.52 2.91 -15.35
C SER A 199 18.96 2.98 -13.94
N ILE A 200 17.63 2.89 -13.87
CA ILE A 200 16.91 2.85 -12.62
C ILE A 200 16.13 1.54 -12.76
N ILE A 201 16.66 0.51 -12.11
CA ILE A 201 16.12 -0.84 -12.15
C ILE A 201 15.81 -1.29 -13.57
N GLY A 202 16.73 -0.99 -14.47
CA GLY A 202 16.60 -1.37 -15.86
C GLY A 202 15.89 -0.35 -16.72
N GLY A 203 15.20 0.58 -16.07
CA GLY A 203 14.49 1.61 -16.80
C GLY A 203 15.40 2.79 -17.06
N GLU A 204 15.15 3.45 -18.18
CA GLU A 204 15.91 4.62 -18.60
C GLU A 204 15.86 5.63 -17.45
N VAL A 205 17.02 6.12 -17.02
CA VAL A 205 17.08 7.07 -15.91
C VAL A 205 16.14 8.26 -16.08
N GLU A 206 16.22 8.90 -17.24
CA GLU A 206 15.39 10.05 -17.54
C GLU A 206 13.92 9.76 -17.33
N THR A 207 13.49 8.57 -17.78
CA THR A 207 12.10 8.16 -17.63
C THR A 207 11.64 7.99 -16.19
N PHE A 208 12.41 7.25 -15.40
CA PHE A 208 12.05 7.04 -14.01
C PHE A 208 12.09 8.30 -13.19
N LEU A 209 13.11 9.12 -13.42
CA LEU A 209 13.24 10.35 -12.68
C LEU A 209 12.02 11.25 -12.96
N ALA A 210 11.47 11.17 -14.16
CA ALA A 210 10.32 11.98 -14.51
C ALA A 210 9.12 11.52 -13.68
N ARG A 211 8.93 10.19 -13.59
CA ARG A 211 7.83 9.65 -12.78
C ARG A 211 7.92 10.21 -11.36
N PHE A 212 9.10 10.15 -10.76
CA PHE A 212 9.30 10.62 -9.39
C PHE A 212 9.16 12.14 -9.19
N LEU A 213 9.56 12.91 -10.18
CA LEU A 213 9.52 14.37 -10.10
C LEU A 213 8.16 14.98 -10.37
N THR A 214 7.38 14.33 -11.24
CA THR A 214 6.07 14.83 -11.65
C THR A 214 4.84 14.14 -11.07
N GLY A 215 4.97 12.87 -10.69
CA GLY A 215 3.83 12.16 -10.16
C GLY A 215 2.84 11.87 -11.28
N ARG A 216 3.29 12.07 -12.52
CA ARG A 216 2.46 11.81 -13.68
C ARG A 216 3.01 10.58 -14.42
N PRO A 217 2.12 9.72 -14.91
CA PRO A 217 2.57 8.51 -15.62
C PRO A 217 3.62 8.80 -16.69
N GLN A 218 4.55 7.85 -16.85
CA GLN A 218 5.61 7.96 -17.86
C GLN A 218 5.80 6.55 -18.39
N PRO A 219 5.49 6.33 -19.68
CA PRO A 219 5.67 4.99 -20.24
C PRO A 219 7.08 4.46 -20.05
N PHE A 220 7.19 3.21 -19.62
CA PHE A 220 8.48 2.59 -19.37
C PHE A 220 9.34 2.37 -20.62
N ARG A 221 10.57 2.86 -20.56
CA ARG A 221 11.52 2.70 -21.66
C ARG A 221 12.68 1.91 -21.04
N ALA A 222 13.12 0.86 -21.73
CA ALA A 222 14.22 0.05 -21.23
C ALA A 222 15.55 0.74 -21.48
N ALA A 223 16.34 0.91 -20.42
CA ALA A 223 17.64 1.54 -20.54
C ALA A 223 18.56 0.70 -21.43
N GLN A 224 19.46 1.38 -22.14
CA GLN A 224 20.39 0.70 -23.03
C GLN A 224 21.81 1.04 -22.57
N GLY A 225 22.73 0.09 -22.63
CA GLY A 225 24.09 0.37 -22.19
C GLY A 225 24.77 -0.90 -21.76
N LYS A 226 26.04 -0.80 -21.33
CA LYS A 226 26.80 -1.96 -20.90
C LYS A 226 26.09 -2.69 -19.76
N ALA A 227 26.13 -4.01 -19.80
CA ALA A 227 25.47 -4.82 -18.82
C ALA A 227 26.36 -5.52 -17.81
N ARG A 228 25.71 -6.05 -16.77
CA ARG A 228 26.37 -6.80 -15.71
C ARG A 228 25.54 -8.06 -15.51
N PHE A 229 26.22 -9.20 -15.57
CA PHE A 229 25.60 -10.49 -15.42
C PHE A 229 25.62 -10.82 -13.94
N HIS A 230 24.44 -11.03 -13.37
CA HIS A 230 24.33 -11.33 -11.96
C HIS A 230 23.70 -12.70 -11.74
N ALA A 231 24.40 -13.56 -11.02
CA ALA A 231 23.87 -14.89 -10.75
C ALA A 231 24.37 -15.38 -9.40
N THR A 232 23.91 -16.57 -9.02
CA THR A 232 24.33 -17.17 -7.77
C THR A 232 24.55 -18.66 -8.00
N GLU A 233 25.72 -19.15 -7.62
CA GLU A 233 26.07 -20.54 -7.79
C GLU A 233 25.71 -21.35 -6.55
N LEU A 234 25.19 -22.55 -6.77
CA LEU A 234 24.81 -23.46 -5.70
C LEU A 234 25.47 -24.82 -5.90
N VAL A 235 25.97 -25.40 -4.82
CA VAL A 235 26.60 -26.70 -4.87
C VAL A 235 25.85 -27.63 -3.92
N PHE A 236 25.20 -28.65 -4.46
CA PHE A 236 24.46 -29.61 -3.65
C PHE A 236 25.14 -30.96 -3.85
N GLU A 237 25.47 -31.63 -2.76
CA GLU A 237 26.12 -32.94 -2.84
C GLU A 237 25.73 -33.84 -1.67
N GLY A 238 25.69 -35.14 -1.93
CA GLY A 238 25.33 -36.07 -0.88
C GLY A 238 24.01 -35.73 -0.22
N GLY A 239 23.05 -35.31 -1.04
CA GLY A 239 21.74 -34.96 -0.53
C GLY A 239 21.73 -33.79 0.44
N ARG A 240 22.76 -32.96 0.39
CA ARG A 240 22.85 -31.80 1.28
C ARG A 240 23.39 -30.57 0.57
N PRO A 241 23.02 -29.37 1.06
CA PRO A 241 23.48 -28.11 0.46
C PRO A 241 24.93 -27.86 0.89
N VAL A 242 25.85 -27.83 -0.07
CA VAL A 242 27.27 -27.61 0.22
C VAL A 242 27.69 -26.14 0.20
N ALA A 243 27.41 -25.44 -0.90
CA ALA A 243 27.80 -24.03 -0.98
C ALA A 243 26.89 -23.12 -1.82
N ILE A 244 26.99 -21.83 -1.53
CA ILE A 244 26.23 -20.80 -2.23
C ILE A 244 27.21 -19.65 -2.50
N SER A 245 27.29 -19.20 -3.74
CA SER A 245 28.21 -18.13 -4.07
C SER A 245 27.75 -17.12 -5.11
N PRO A 246 27.64 -15.84 -4.71
CA PRO A 246 27.22 -14.77 -5.61
C PRO A 246 28.22 -14.67 -6.75
N TYR A 247 27.73 -14.60 -7.98
CA TYR A 247 28.59 -14.51 -9.15
C TYR A 247 28.30 -13.26 -9.96
N VAL A 248 29.35 -12.64 -10.48
CA VAL A 248 29.21 -11.43 -11.29
C VAL A 248 30.19 -11.42 -12.46
N TRP A 249 29.78 -10.74 -13.54
CA TRP A 249 30.59 -10.62 -14.75
C TRP A 249 30.22 -9.29 -15.37
N GLU A 250 31.23 -8.46 -15.63
CA GLU A 250 31.02 -7.15 -16.22
C GLU A 250 31.22 -7.26 -17.72
N GLU A 251 30.27 -6.75 -18.48
CA GLU A 251 30.39 -6.79 -19.93
C GLU A 251 31.47 -5.81 -20.38
N PRO A 252 32.45 -6.28 -21.15
CA PRO A 252 33.52 -5.40 -21.62
C PRO A 252 32.94 -4.24 -22.45
N MET B 1 38.78 14.14 3.84
CA MET B 1 37.82 13.32 4.67
C MET B 1 37.78 11.80 4.36
N ARG B 2 37.97 11.20 5.54
CA ARG B 2 37.75 9.77 5.72
C ARG B 2 36.58 9.47 6.64
N VAL B 3 35.50 8.95 6.05
CA VAL B 3 34.21 8.86 6.75
C VAL B 3 33.84 7.41 6.91
N LEU B 4 33.36 7.06 8.10
CA LEU B 4 32.79 5.74 8.24
C LEU B 4 31.24 5.80 8.41
N PHE B 5 30.49 5.11 7.53
CA PHE B 5 29.04 5.01 7.69
C PHE B 5 28.50 3.65 8.21
N ILE B 6 27.85 3.68 9.36
CA ILE B 6 27.46 2.43 9.98
C ILE B 6 26.02 2.05 9.79
N GLY B 7 25.83 0.90 9.19
CA GLY B 7 24.52 0.30 8.90
C GLY B 7 23.62 0.08 10.10
N ASP B 8 22.33 0.14 9.84
CA ASP B 8 21.32 0.22 10.88
C ASP B 8 21.67 -0.50 12.11
N VAL B 9 21.81 0.26 13.21
CA VAL B 9 22.06 -0.31 14.55
C VAL B 9 20.79 -0.95 15.19
N MET B 10 20.76 -2.25 15.17
CA MET B 10 19.60 -3.01 15.51
C MET B 10 19.58 -3.50 16.96
N ALA B 11 18.74 -2.86 17.79
CA ALA B 11 18.48 -3.32 19.15
C ALA B 11 19.77 -3.58 20.00
N GLU B 12 19.71 -4.46 21.02
CA GLU B 12 20.88 -4.61 21.95
C GLU B 12 22.16 -5.19 21.36
N PRO B 13 22.02 -6.24 20.54
CA PRO B 13 23.23 -6.68 19.86
C PRO B 13 23.92 -5.67 18.97
N GLY B 14 23.13 -4.79 18.38
CA GLY B 14 23.71 -3.78 17.51
C GLY B 14 24.49 -2.77 18.33
N LEU B 15 23.88 -2.30 19.40
CA LEU B 15 24.51 -1.32 20.29
C LEU B 15 25.77 -1.92 20.91
N ARG B 16 25.70 -3.20 21.24
CA ARG B 16 26.84 -3.89 21.83
C ARG B 16 27.97 -3.97 20.80
N ALA B 17 27.63 -4.35 19.58
CA ALA B 17 28.59 -4.47 18.50
C ALA B 17 29.36 -3.16 18.25
N VAL B 18 28.63 -2.04 18.29
CA VAL B 18 29.26 -0.75 18.08
C VAL B 18 30.19 -0.43 19.26
N GLY B 19 29.64 -0.54 20.48
CA GLY B 19 30.40 -0.28 21.68
C GLY B 19 31.69 -1.07 21.73
N LEU B 20 31.64 -2.33 21.30
CA LEU B 20 32.80 -3.19 21.33
C LEU B 20 33.84 -3.03 20.22
N HIS B 21 33.37 -2.84 18.98
CA HIS B 21 34.31 -2.74 17.86
C HIS B 21 34.71 -1.35 17.33
N LEU B 22 33.82 -0.37 17.46
CA LEU B 22 34.14 0.95 16.93
C LEU B 22 35.43 1.52 17.52
N PRO B 23 35.62 1.43 18.84
CA PRO B 23 36.83 1.96 19.46
C PRO B 23 38.12 1.46 18.81
N ASP B 24 38.12 0.20 18.40
CA ASP B 24 39.29 -0.39 17.76
C ASP B 24 39.54 0.13 16.34
N ILE B 25 38.55 0.80 15.75
CA ILE B 25 38.73 1.28 14.39
C ILE B 25 38.48 2.78 14.19
N ARG B 26 37.94 3.45 15.21
CA ARG B 26 37.66 4.88 15.12
C ARG B 26 38.82 5.70 14.55
N ASP B 27 40.05 5.36 14.95
CA ASP B 27 41.25 6.06 14.50
C ASP B 27 41.42 6.11 12.99
N ARG B 28 40.79 5.17 12.29
CA ARG B 28 40.88 5.09 10.84
C ARG B 28 40.00 6.13 10.14
N TYR B 29 39.10 6.78 10.88
CA TYR B 29 38.20 7.75 10.26
C TYR B 29 38.20 9.15 10.87
N ASP B 30 37.90 10.13 10.02
CA ASP B 30 37.85 11.52 10.46
C ASP B 30 36.52 11.78 11.13
N LEU B 31 35.47 11.15 10.61
CA LEU B 31 34.11 11.30 11.14
C LEU B 31 33.35 9.98 11.03
N VAL B 32 32.52 9.71 12.04
CA VAL B 32 31.70 8.49 12.07
C VAL B 32 30.24 8.85 12.26
N ILE B 33 29.39 8.38 11.35
CA ILE B 33 27.96 8.66 11.42
C ILE B 33 27.20 7.33 11.49
N ALA B 34 26.14 7.28 12.26
CA ALA B 34 25.41 6.03 12.34
C ALA B 34 23.90 6.21 12.41
N ASN B 35 23.19 5.25 11.86
CA ASN B 35 21.74 5.29 11.90
C ASN B 35 21.40 4.56 13.21
N GLY B 36 20.62 5.21 14.07
CA GLY B 36 20.26 4.60 15.33
C GLY B 36 18.76 4.56 15.49
N GLU B 37 18.08 4.29 14.39
CA GLU B 37 16.62 4.24 14.38
C GLU B 37 16.02 3.16 15.28
N ASN B 38 16.75 2.06 15.43
CA ASN B 38 16.26 0.95 16.24
C ASN B 38 17.18 0.69 17.43
N ALA B 39 18.03 1.65 17.76
CA ALA B 39 18.99 1.48 18.84
C ALA B 39 18.41 1.22 20.24
N ALA B 40 17.23 1.76 20.52
CA ALA B 40 16.61 1.58 21.82
C ALA B 40 15.85 0.26 21.89
N ARG B 41 16.58 -0.83 22.12
CA ARG B 41 15.96 -2.15 22.21
C ARG B 41 15.09 -2.48 21.01
N GLY B 42 15.46 -1.97 19.84
CA GLY B 42 14.71 -2.26 18.63
C GLY B 42 13.78 -1.17 18.09
N LYS B 43 13.29 -0.30 18.96
CA LYS B 43 12.37 0.74 18.52
C LYS B 43 12.73 2.16 18.93
N GLY B 44 13.41 2.87 18.05
CA GLY B 44 13.75 4.25 18.36
C GLY B 44 15.10 4.51 19.00
N LEU B 45 15.17 5.65 19.68
CA LEU B 45 16.38 6.11 20.34
C LEU B 45 16.02 6.77 21.69
N ASP B 46 16.76 6.42 22.74
CA ASP B 46 16.55 7.03 24.04
C ASP B 46 17.89 7.57 24.53
N ARG B 47 17.88 8.29 25.64
CA ARG B 47 19.11 8.88 26.15
C ARG B 47 20.23 7.86 26.35
N ARG B 48 19.91 6.70 26.92
CA ARG B 48 20.93 5.69 27.17
C ARG B 48 21.65 5.25 25.90
N SER B 49 20.90 4.66 24.96
CA SER B 49 21.51 4.18 23.72
C SER B 49 22.24 5.27 22.97
N TYR B 50 21.77 6.51 23.08
CA TYR B 50 22.45 7.60 22.41
C TYR B 50 23.85 7.69 23.02
N ARG B 51 23.92 7.80 24.34
CA ARG B 51 25.18 7.89 25.07
C ARG B 51 26.20 6.82 24.67
N LEU B 52 25.78 5.56 24.66
CA LEU B 52 26.68 4.48 24.31
C LEU B 52 27.21 4.63 22.88
N LEU B 53 26.39 5.18 21.98
CA LEU B 53 26.84 5.37 20.60
C LEU B 53 27.93 6.45 20.59
N ARG B 54 27.64 7.60 21.19
CA ARG B 54 28.59 8.71 21.25
C ARG B 54 29.89 8.28 21.94
N GLU B 55 29.76 7.59 23.07
CA GLU B 55 30.90 7.13 23.83
C GLU B 55 31.71 6.09 23.07
N ALA B 56 31.13 5.53 22.02
CA ALA B 56 31.82 4.52 21.24
C ALA B 56 32.61 5.19 20.11
N GLY B 57 32.31 6.45 19.87
CA GLY B 57 33.01 7.17 18.81
C GLY B 57 32.13 7.69 17.69
N VAL B 58 30.81 7.55 17.83
CA VAL B 58 29.90 8.04 16.80
C VAL B 58 29.72 9.54 16.99
N ASP B 59 29.86 10.30 15.90
CA ASP B 59 29.74 11.75 15.93
C ASP B 59 28.34 12.29 15.65
N LEU B 60 27.54 11.54 14.91
CA LEU B 60 26.19 11.97 14.54
C LEU B 60 25.28 10.76 14.36
N VAL B 61 24.06 10.87 14.86
CA VAL B 61 23.09 9.78 14.77
C VAL B 61 21.84 10.21 14.01
N SER B 62 21.45 9.40 13.03
CA SER B 62 20.25 9.66 12.23
C SER B 62 19.12 8.74 12.69
N LEU B 63 17.87 9.09 12.37
CA LEU B 63 16.73 8.29 12.79
C LEU B 63 16.01 7.58 11.64
N GLY B 64 14.73 7.89 11.45
CA GLY B 64 13.95 7.27 10.40
C GLY B 64 12.48 7.31 10.75
N ASN B 65 11.74 6.29 10.31
CA ASN B 65 10.30 6.23 10.60
C ASN B 65 10.00 6.01 12.08
N HIS B 66 10.93 5.38 12.81
CA HIS B 66 10.76 5.11 14.24
C HIS B 66 11.30 6.23 15.12
N ALA B 67 11.74 7.31 14.50
CA ALA B 67 12.32 8.45 15.19
C ALA B 67 11.54 9.01 16.38
N TRP B 68 10.29 8.58 16.56
CA TRP B 68 9.48 9.13 17.63
C TRP B 68 8.97 8.16 18.68
N ASP B 69 9.43 6.92 18.65
CA ASP B 69 8.98 5.92 19.62
C ASP B 69 9.12 6.35 21.08
N HIS B 70 10.25 6.96 21.43
CA HIS B 70 10.49 7.40 22.80
C HIS B 70 10.49 8.91 22.98
N LYS B 71 10.02 9.33 24.15
CA LYS B 71 9.93 10.75 24.49
C LYS B 71 11.31 11.41 24.48
N GLU B 72 12.23 10.83 25.25
CA GLU B 72 13.59 11.33 25.38
C GLU B 72 14.23 11.85 24.09
N VAL B 73 13.74 11.36 22.95
CA VAL B 73 14.27 11.77 21.66
C VAL B 73 14.16 13.28 21.44
N TYR B 74 13.09 13.89 21.97
CA TYR B 74 12.89 15.33 21.78
C TYR B 74 13.96 16.20 22.42
N ALA B 75 14.58 15.72 23.49
CA ALA B 75 15.65 16.48 24.14
C ALA B 75 16.90 16.32 23.28
N LEU B 76 17.12 15.09 22.80
CA LEU B 76 18.27 14.77 21.95
C LEU B 76 18.22 15.57 20.65
N LEU B 77 17.02 15.76 20.12
CA LEU B 77 16.81 16.48 18.88
C LEU B 77 17.09 17.98 18.95
N GLU B 78 16.84 18.58 20.11
CA GLU B 78 17.08 20.02 20.20
C GLU B 78 18.49 20.42 20.63
N SER B 79 19.22 19.52 21.27
CA SER B 79 20.56 19.87 21.73
C SER B 79 21.71 18.94 21.38
N GLU B 80 21.43 17.83 20.72
CA GLU B 80 22.48 16.87 20.39
C GLU B 80 22.65 16.66 18.90
N PRO B 81 23.79 16.07 18.49
CA PRO B 81 24.05 15.79 17.08
C PRO B 81 23.23 14.55 16.65
N VAL B 82 21.92 14.77 16.54
CA VAL B 82 20.94 13.75 16.14
C VAL B 82 20.01 14.41 15.12
N VAL B 83 19.77 13.74 14.01
CA VAL B 83 18.91 14.30 12.99
C VAL B 83 17.78 13.37 12.60
N ARG B 84 16.69 13.95 12.11
CA ARG B 84 15.54 13.17 11.66
C ARG B 84 15.35 13.44 10.17
N PRO B 85 14.48 12.69 9.50
CA PRO B 85 14.30 12.95 8.06
C PRO B 85 13.97 14.40 7.72
N LEU B 86 14.73 14.96 6.78
CA LEU B 86 14.56 16.33 6.29
C LEU B 86 13.14 16.51 5.80
N ASN B 87 12.69 15.42 5.21
CA ASN B 87 11.40 15.73 4.59
C ASN B 87 10.11 15.44 5.35
N TYR B 88 10.19 15.58 6.66
CA TYR B 88 8.97 15.82 7.45
C TYR B 88 8.45 17.25 7.21
N PRO B 89 7.16 17.48 7.50
CA PRO B 89 6.58 18.82 7.28
C PRO B 89 7.11 19.91 8.20
N PRO B 90 6.88 21.17 7.83
CA PRO B 90 7.34 22.28 8.66
C PRO B 90 6.81 22.10 10.08
N GLY B 91 7.49 22.67 11.06
CA GLY B 91 7.06 22.52 12.45
C GLY B 91 7.49 21.22 13.10
N THR B 92 8.21 20.38 12.38
CA THR B 92 8.68 19.12 12.93
C THR B 92 9.90 19.34 13.82
N PRO B 93 9.90 18.72 15.00
CA PRO B 93 11.02 18.84 15.96
C PRO B 93 12.34 18.35 15.36
N GLY B 94 13.44 18.86 15.89
CA GLY B 94 14.74 18.43 15.41
C GLY B 94 15.09 19.03 14.07
N LYS B 95 16.23 18.62 13.54
CA LYS B 95 16.71 19.11 12.27
C LYS B 95 16.83 17.98 11.27
N GLY B 96 16.68 18.31 10.00
CA GLY B 96 16.78 17.31 8.95
C GLY B 96 18.17 17.21 8.37
N PHE B 97 19.10 17.99 8.91
CA PHE B 97 20.47 17.97 8.41
C PHE B 97 21.43 18.45 9.48
N TRP B 98 22.70 18.15 9.28
CA TRP B 98 23.73 18.56 10.21
C TRP B 98 25.03 18.88 9.48
N ARG B 99 25.78 19.83 10.02
CA ARG B 99 27.05 20.22 9.44
C ARG B 99 28.18 19.73 10.34
N LEU B 100 29.02 18.87 9.81
CA LEU B 100 30.15 18.37 10.60
C LEU B 100 31.39 19.09 10.13
N GLU B 101 32.25 19.43 11.08
CA GLU B 101 33.48 20.13 10.80
C GLU B 101 34.65 19.32 11.34
N VAL B 102 35.63 19.03 10.49
CA VAL B 102 36.77 18.27 10.93
C VAL B 102 37.98 18.59 10.04
N GLY B 103 39.07 19.04 10.65
CA GLY B 103 40.28 19.36 9.91
C GLY B 103 40.10 20.56 9.00
N GLY B 104 39.23 21.48 9.39
CA GLY B 104 38.99 22.66 8.57
C GLY B 104 38.04 22.38 7.43
N GLU B 105 37.73 21.10 7.19
CA GLU B 105 36.80 20.73 6.12
C GLU B 105 35.41 20.52 6.68
N SER B 106 34.40 20.73 5.84
CA SER B 106 33.01 20.58 6.25
C SER B 106 32.28 19.47 5.50
N LEU B 107 31.38 18.81 6.22
CA LEU B 107 30.58 17.73 5.64
C LEU B 107 29.13 17.97 6.01
N LEU B 108 28.28 18.11 5.00
CA LEU B 108 26.86 18.30 5.25
C LEU B 108 26.19 16.94 5.22
N PHE B 109 25.60 16.54 6.33
CA PHE B 109 24.89 15.25 6.33
C PHE B 109 23.40 15.50 6.24
N VAL B 110 22.73 14.68 5.45
CA VAL B 110 21.29 14.82 5.27
C VAL B 110 20.59 13.47 5.13
N GLN B 111 19.57 13.27 5.93
CA GLN B 111 18.79 12.05 5.83
C GLN B 111 17.44 12.42 5.24
N VAL B 112 16.93 11.58 4.37
CA VAL B 112 15.64 11.82 3.73
C VAL B 112 14.90 10.49 3.75
N MET B 113 13.58 10.54 3.77
CA MET B 113 12.78 9.33 3.81
C MET B 113 12.05 9.11 2.49
N GLY B 114 12.07 7.88 1.99
CA GLY B 114 11.36 7.62 0.75
C GLY B 114 9.87 7.62 1.02
N ARG B 115 9.05 7.64 -0.03
CA ARG B 115 7.61 7.62 0.17
C ARG B 115 6.94 6.37 -0.40
N ILE B 116 7.60 5.68 -1.34
CA ILE B 116 7.00 4.48 -1.91
C ILE B 116 6.93 3.39 -0.84
N PHE B 117 5.75 2.79 -0.69
CA PHE B 117 5.52 1.75 0.32
C PHE B 117 5.72 2.26 1.73
N MET B 118 5.73 3.58 1.89
CA MET B 118 5.90 4.19 3.20
C MET B 118 4.84 5.26 3.43
N ASP B 119 4.99 5.99 4.53
CA ASP B 119 4.03 7.03 4.88
C ASP B 119 4.16 8.27 4.02
N PRO B 120 3.05 8.99 3.81
CA PRO B 120 3.09 10.20 2.98
C PRO B 120 3.88 11.29 3.71
N LEU B 121 4.81 11.92 3.02
CA LEU B 121 5.60 13.00 3.61
C LEU B 121 5.90 13.95 2.47
N ASP B 122 6.70 14.97 2.73
CA ASP B 122 7.03 15.92 1.68
C ASP B 122 7.95 15.25 0.66
N ASP B 123 7.95 15.81 -0.55
CA ASP B 123 8.77 15.32 -1.66
C ASP B 123 10.28 15.40 -1.31
N PRO B 124 10.95 14.25 -1.25
CA PRO B 124 12.38 14.17 -0.92
C PRO B 124 13.29 14.89 -1.93
N PHE B 125 12.96 14.75 -3.22
CA PHE B 125 13.75 15.38 -4.28
C PHE B 125 13.82 16.89 -4.16
N ARG B 126 12.66 17.54 -4.07
CA ARG B 126 12.66 19.00 -3.98
C ARG B 126 13.11 19.51 -2.60
N ALA B 127 12.92 18.71 -1.55
CA ALA B 127 13.38 19.12 -0.24
C ALA B 127 14.91 19.16 -0.32
N LEU B 128 15.48 18.17 -1.02
CA LEU B 128 16.92 18.12 -1.18
C LEU B 128 17.41 19.30 -2.03
N ASP B 129 16.71 19.60 -3.13
CA ASP B 129 17.12 20.71 -3.98
C ASP B 129 17.25 22.01 -3.19
N ARG B 130 16.24 22.30 -2.37
CA ARG B 130 16.24 23.50 -1.57
C ARG B 130 17.40 23.50 -0.58
N LEU B 131 17.52 22.43 0.20
CA LEU B 131 18.60 22.34 1.18
C LEU B 131 19.95 22.59 0.54
N LEU B 132 20.28 21.79 -0.47
CA LEU B 132 21.56 21.91 -1.16
C LEU B 132 21.81 23.31 -1.73
N GLU B 133 20.76 24.11 -1.88
CA GLU B 133 20.97 25.46 -2.39
C GLU B 133 21.36 26.38 -1.24
N GLU B 134 20.76 26.18 -0.06
CA GLU B 134 21.07 27.01 1.08
C GLU B 134 22.28 26.57 1.93
N GLU B 135 22.55 25.27 1.99
CA GLU B 135 23.68 24.79 2.79
C GLU B 135 24.82 24.25 1.92
N LYS B 136 25.92 24.99 1.88
CA LYS B 136 27.08 24.59 1.09
C LYS B 136 28.13 23.95 1.99
N ALA B 137 28.94 23.06 1.44
CA ALA B 137 29.94 22.39 2.24
C ALA B 137 30.99 21.74 1.35
N ASP B 138 32.09 21.31 1.96
CA ASP B 138 33.14 20.64 1.20
C ASP B 138 32.58 19.32 0.67
N TYR B 139 31.85 18.61 1.52
CA TYR B 139 31.26 17.33 1.13
C TYR B 139 29.81 17.20 1.58
N VAL B 140 29.02 16.45 0.80
CA VAL B 140 27.62 16.23 1.12
C VAL B 140 27.26 14.74 1.13
N LEU B 141 26.89 14.21 2.29
CA LEU B 141 26.48 12.82 2.37
C LEU B 141 24.97 12.79 2.58
N VAL B 142 24.27 12.10 1.70
CA VAL B 142 22.83 11.99 1.82
C VAL B 142 22.44 10.54 2.14
N GLU B 143 21.72 10.33 3.23
CA GLU B 143 21.27 9.00 3.55
C GLU B 143 19.80 8.93 3.09
N VAL B 144 19.46 7.92 2.30
CA VAL B 144 18.08 7.75 1.85
C VAL B 144 17.48 6.54 2.55
N HIS B 145 16.58 6.80 3.48
CA HIS B 145 15.92 5.76 4.28
C HIS B 145 14.64 5.36 3.56
N ALA B 146 14.73 4.36 2.71
CA ALA B 146 13.57 3.95 1.91
C ALA B 146 13.40 2.45 1.69
N GLU B 147 12.22 2.09 1.22
CA GLU B 147 11.91 0.69 0.94
C GLU B 147 12.21 0.30 -0.51
N ALA B 148 11.85 1.20 -1.43
CA ALA B 148 12.00 0.93 -2.85
C ALA B 148 13.37 1.23 -3.44
N THR B 149 13.97 0.23 -4.07
CA THR B 149 15.26 0.40 -4.70
C THR B 149 15.18 1.47 -5.81
N SER B 150 14.06 1.51 -6.53
CA SER B 150 13.91 2.49 -7.59
C SER B 150 13.92 3.92 -7.05
N GLU B 151 13.30 4.13 -5.89
CA GLU B 151 13.26 5.46 -5.29
C GLU B 151 14.66 5.85 -4.84
N LYS B 152 15.38 4.91 -4.25
CA LYS B 152 16.75 5.17 -3.82
C LYS B 152 17.63 5.49 -5.04
N MET B 153 17.48 4.73 -6.12
CA MET B 153 18.27 4.99 -7.33
C MET B 153 17.87 6.32 -7.99
N ALA B 154 16.58 6.63 -7.98
CA ALA B 154 16.08 7.87 -8.54
C ALA B 154 16.73 9.04 -7.82
N LEU B 155 16.68 9.02 -6.48
CA LEU B 155 17.28 10.08 -5.69
C LEU B 155 18.78 10.24 -5.96
N ALA B 156 19.49 9.12 -6.06
CA ALA B 156 20.94 9.16 -6.31
C ALA B 156 21.31 9.78 -7.65
N HIS B 157 20.66 9.36 -8.73
CA HIS B 157 20.97 9.94 -10.04
C HIS B 157 20.60 11.42 -9.97
N TYR B 158 19.46 11.71 -9.35
CA TYR B 158 19.01 13.09 -9.22
C TYR B 158 20.05 13.93 -8.49
N LEU B 159 20.74 13.29 -7.55
CA LEU B 159 21.76 13.95 -6.73
C LEU B 159 23.16 13.87 -7.32
N ASP B 160 23.30 13.19 -8.45
CA ASP B 160 24.61 13.02 -9.05
C ASP B 160 25.25 14.36 -9.40
N GLY B 161 26.48 14.56 -8.93
CA GLY B 161 27.18 15.80 -9.20
C GLY B 161 26.95 16.82 -8.11
N ARG B 162 25.96 16.57 -7.27
CA ARG B 162 25.66 17.50 -6.18
C ARG B 162 26.07 16.89 -4.84
N ALA B 163 25.78 15.61 -4.66
CA ALA B 163 26.14 14.93 -3.43
C ALA B 163 27.47 14.21 -3.67
N SER B 164 28.24 14.03 -2.62
CA SER B 164 29.51 13.32 -2.72
C SER B 164 29.20 11.83 -2.61
N ALA B 165 28.12 11.51 -1.89
CA ALA B 165 27.73 10.13 -1.69
C ALA B 165 26.29 9.99 -1.24
N VAL B 166 25.65 8.93 -1.70
CA VAL B 166 24.27 8.64 -1.36
C VAL B 166 24.21 7.20 -0.86
N LEU B 167 23.85 7.02 0.40
CA LEU B 167 23.79 5.69 1.00
C LEU B 167 22.38 5.39 1.45
N GLY B 168 21.91 4.19 1.15
CA GLY B 168 20.57 3.83 1.54
C GLY B 168 20.56 3.00 2.81
N THR B 169 19.44 3.08 3.53
CA THR B 169 19.23 2.31 4.74
C THR B 169 17.76 1.92 4.78
N HIS B 170 17.34 1.28 5.87
CA HIS B 170 15.95 0.83 6.09
C HIS B 170 15.72 -0.64 5.73
N THR B 171 16.25 -1.08 4.60
CA THR B 171 16.09 -2.45 4.14
C THR B 171 16.77 -3.54 4.99
N HIS B 172 17.76 -3.13 5.79
CA HIS B 172 18.47 -4.02 6.69
C HIS B 172 19.41 -5.08 6.11
N VAL B 173 19.52 -5.17 4.79
CA VAL B 173 20.42 -6.14 4.17
C VAL B 173 21.42 -5.36 3.34
N PRO B 174 22.73 -5.61 3.55
CA PRO B 174 23.75 -4.90 2.79
C PRO B 174 23.76 -5.33 1.33
N THR B 175 23.86 -4.36 0.42
CA THR B 175 23.86 -4.66 -1.01
C THR B 175 25.25 -4.68 -1.60
N LEU B 176 25.45 -5.51 -2.61
CA LEU B 176 26.75 -5.63 -3.29
C LEU B 176 26.74 -4.73 -4.52
N ASP B 177 26.43 -3.45 -4.34
CA ASP B 177 26.39 -2.54 -5.48
C ASP B 177 27.07 -1.19 -5.27
N ALA B 178 28.06 -1.15 -4.37
CA ALA B 178 28.79 0.09 -4.12
C ALA B 178 29.47 0.51 -5.42
N THR B 179 29.20 1.74 -5.86
CA THR B 179 29.77 2.26 -7.10
C THR B 179 29.74 3.77 -7.11
N ARG B 180 30.19 4.34 -8.23
CA ARG B 180 30.17 5.78 -8.38
C ARG B 180 29.38 6.02 -9.65
N LEU B 181 28.43 6.95 -9.59
CA LEU B 181 27.59 7.26 -10.73
C LEU B 181 28.34 8.10 -11.78
N PRO B 182 27.80 8.17 -13.01
CA PRO B 182 28.43 8.93 -14.09
C PRO B 182 29.02 10.31 -13.73
N LYS B 183 28.34 11.06 -12.88
CA LYS B 183 28.87 12.36 -12.51
C LYS B 183 29.75 12.37 -11.25
N GLY B 184 30.17 11.19 -10.82
CA GLY B 184 31.05 11.09 -9.66
C GLY B 184 30.52 10.75 -8.27
N THR B 185 29.20 10.82 -8.06
CA THR B 185 28.66 10.51 -6.72
C THR B 185 28.76 9.04 -6.35
N LEU B 186 29.16 8.77 -5.11
CA LEU B 186 29.27 7.39 -4.66
C LEU B 186 27.88 6.93 -4.24
N TYR B 187 27.60 5.63 -4.39
CA TYR B 187 26.30 5.12 -4.04
C TYR B 187 26.26 3.63 -3.65
N GLN B 188 25.34 3.31 -2.75
CA GLN B 188 25.10 1.94 -2.32
C GLN B 188 23.62 1.91 -1.93
N THR B 189 22.89 0.89 -2.39
CA THR B 189 21.47 0.79 -2.10
C THR B 189 21.16 0.61 -0.62
N ASP B 190 21.89 -0.27 0.06
CA ASP B 190 21.67 -0.43 1.49
C ASP B 190 22.97 -0.80 2.18
N VAL B 191 23.25 -0.12 3.28
CA VAL B 191 24.45 -0.33 4.06
C VAL B 191 24.35 -1.65 4.81
N GLY B 192 23.15 -1.98 5.27
CA GLY B 192 22.97 -3.21 6.00
C GLY B 192 22.74 -2.88 7.46
N MET B 193 22.31 -3.87 8.22
CA MET B 193 22.02 -3.68 9.64
C MET B 193 23.22 -4.09 10.52
N THR B 194 23.40 -3.43 11.66
CA THR B 194 24.46 -3.83 12.59
C THR B 194 23.68 -4.38 13.78
N GLY B 195 23.72 -5.69 13.92
CA GLY B 195 23.01 -6.37 14.98
C GLY B 195 23.11 -7.86 14.72
N THR B 196 22.27 -8.64 15.37
CA THR B 196 22.33 -10.08 15.20
C THR B 196 21.53 -10.51 13.97
N TYR B 197 22.18 -11.25 13.08
CA TYR B 197 21.51 -11.74 11.88
C TYR B 197 20.84 -13.07 12.15
N HIS B 198 20.92 -13.51 13.41
CA HIS B 198 20.25 -14.74 13.81
C HIS B 198 18.87 -14.22 14.16
N SER B 199 18.14 -13.80 13.13
CA SER B 199 16.82 -13.22 13.30
C SER B 199 16.24 -12.85 11.95
N ILE B 200 15.15 -12.10 11.98
CA ILE B 200 14.50 -11.61 10.78
C ILE B 200 14.45 -10.10 10.99
N ILE B 201 15.37 -9.40 10.32
CA ILE B 201 15.51 -7.95 10.41
C ILE B 201 15.49 -7.45 11.85
N GLY B 202 16.31 -8.09 12.70
CA GLY B 202 16.38 -7.69 14.09
C GLY B 202 15.44 -8.41 15.05
N GLY B 203 14.25 -8.77 14.58
CA GLY B 203 13.30 -9.44 15.45
C GLY B 203 13.49 -10.94 15.55
N GLU B 204 12.93 -11.54 16.60
CA GLU B 204 13.02 -12.99 16.79
C GLU B 204 12.30 -13.71 15.65
N VAL B 205 12.96 -14.72 15.09
CA VAL B 205 12.40 -15.47 13.98
C VAL B 205 10.96 -15.89 14.15
N GLU B 206 10.69 -16.75 15.13
CA GLU B 206 9.33 -17.22 15.36
C GLU B 206 8.27 -16.13 15.50
N THR B 207 8.68 -14.96 15.96
CA THR B 207 7.74 -13.85 16.11
C THR B 207 7.28 -13.39 14.73
N PHE B 208 8.23 -13.14 13.84
CA PHE B 208 7.92 -12.70 12.49
C PHE B 208 7.24 -13.82 11.72
N LEU B 209 7.68 -15.04 11.99
CA LEU B 209 7.13 -16.20 11.32
C LEU B 209 5.66 -16.30 11.69
N ALA B 210 5.38 -16.12 12.97
CA ALA B 210 4.01 -16.18 13.46
C ALA B 210 3.16 -15.09 12.80
N ARG B 211 3.76 -13.95 12.47
CA ARG B 211 3.02 -12.88 11.82
C ARG B 211 2.60 -13.30 10.41
N PHE B 212 3.54 -13.78 9.63
CA PHE B 212 3.22 -14.20 8.27
C PHE B 212 2.28 -15.38 8.21
N LEU B 213 2.41 -16.30 9.17
CA LEU B 213 1.58 -17.50 9.20
C LEU B 213 0.14 -17.33 9.67
N THR B 214 -0.05 -16.62 10.78
CA THR B 214 -1.38 -16.42 11.34
C THR B 214 -2.09 -15.20 10.79
N GLY B 215 -1.33 -14.22 10.32
CA GLY B 215 -1.94 -13.01 9.80
C GLY B 215 -2.46 -12.20 10.97
N ARG B 216 -2.01 -12.54 12.18
CA ARG B 216 -2.44 -11.84 13.37
C ARG B 216 -1.28 -11.09 14.02
N PRO B 217 -1.56 -9.91 14.59
CA PRO B 217 -0.53 -9.09 15.24
C PRO B 217 0.32 -9.86 16.24
N GLN B 218 1.63 -9.64 16.17
CA GLN B 218 2.58 -10.27 17.06
C GLN B 218 3.54 -9.16 17.53
N PRO B 219 3.52 -8.83 18.82
CA PRO B 219 4.39 -7.78 19.37
C PRO B 219 5.86 -7.98 19.05
N PHE B 220 6.54 -6.91 18.68
CA PHE B 220 7.95 -7.03 18.33
C PHE B 220 8.80 -7.52 19.49
N ARG B 221 9.71 -8.45 19.20
CA ARG B 221 10.62 -9.01 20.17
C ARG B 221 12.03 -8.96 19.59
N ALA B 222 12.90 -8.14 20.17
CA ALA B 222 14.26 -8.03 19.69
C ALA B 222 14.96 -9.35 19.89
N ALA B 223 15.61 -9.84 18.84
CA ALA B 223 16.35 -11.08 18.91
C ALA B 223 17.68 -10.79 19.59
N GLN B 224 18.24 -11.80 20.25
CA GLN B 224 19.53 -11.64 20.91
C GLN B 224 20.46 -12.67 20.30
N GLY B 225 21.77 -12.40 20.32
CA GLY B 225 22.73 -13.34 19.76
C GLY B 225 23.92 -12.61 19.19
N LYS B 226 24.87 -13.35 18.62
CA LYS B 226 26.06 -12.73 18.06
C LYS B 226 25.66 -11.75 16.95
N ALA B 227 26.29 -10.57 16.97
CA ALA B 227 25.98 -9.54 15.99
C ALA B 227 27.03 -9.39 14.89
N ARG B 228 26.64 -8.70 13.83
CA ARG B 228 27.51 -8.39 12.70
C ARG B 228 27.50 -6.88 12.63
N PHE B 229 28.68 -6.30 12.46
CA PHE B 229 28.84 -4.85 12.38
C PHE B 229 28.85 -4.55 10.89
N HIS B 230 27.89 -3.74 10.43
CA HIS B 230 27.81 -3.39 9.02
C HIS B 230 27.92 -1.90 8.82
N ALA B 231 28.82 -1.51 7.93
CA ALA B 231 29.05 -0.11 7.66
C ALA B 231 29.67 0.06 6.30
N THR B 232 29.79 1.31 5.86
CA THR B 232 30.38 1.62 4.58
C THR B 232 31.32 2.80 4.73
N GLU B 233 32.54 2.65 4.20
CA GLU B 233 33.57 3.68 4.28
C GLU B 233 33.52 4.60 3.07
N LEU B 234 33.71 5.89 3.31
CA LEU B 234 33.69 6.89 2.24
C LEU B 234 34.98 7.71 2.32
N VAL B 235 35.64 7.85 1.17
CA VAL B 235 36.88 8.60 1.07
C VAL B 235 36.65 9.87 0.26
N PHE B 236 36.62 11.01 0.95
CA PHE B 236 36.43 12.31 0.31
C PHE B 236 37.75 13.08 0.38
N GLU B 237 38.34 13.39 -0.77
CA GLU B 237 39.60 14.13 -0.76
C GLU B 237 39.62 15.26 -1.79
N GLY B 238 39.91 16.48 -1.33
CA GLY B 238 39.96 17.61 -2.22
C GLY B 238 38.63 18.02 -2.81
N GLY B 239 37.57 17.92 -2.02
CA GLY B 239 36.24 18.30 -2.46
C GLY B 239 35.64 17.39 -3.52
N ARG B 240 36.17 16.18 -3.66
CA ARG B 240 35.69 15.23 -4.66
C ARG B 240 35.54 13.82 -4.04
N PRO B 241 34.53 13.04 -4.48
CA PRO B 241 34.35 11.68 -3.93
C PRO B 241 35.46 10.81 -4.49
N VAL B 242 36.20 10.12 -3.64
CA VAL B 242 37.29 9.28 -4.11
C VAL B 242 36.99 7.79 -4.08
N ALA B 243 36.53 7.27 -2.95
CA ALA B 243 36.22 5.85 -2.85
C ALA B 243 35.13 5.50 -1.84
N ILE B 244 34.49 4.36 -2.09
CA ILE B 244 33.42 3.85 -1.22
C ILE B 244 33.67 2.36 -1.04
N SER B 245 33.64 1.91 0.20
CA SER B 245 33.87 0.49 0.44
C SER B 245 33.09 -0.08 1.62
N PRO B 246 32.22 -1.05 1.36
CA PRO B 246 31.43 -1.68 2.41
C PRO B 246 32.36 -2.29 3.46
N TYR B 247 31.92 -2.32 4.71
CA TYR B 247 32.73 -2.86 5.79
C TYR B 247 31.93 -3.79 6.68
N VAL B 248 32.52 -4.93 7.04
CA VAL B 248 31.86 -5.91 7.89
C VAL B 248 32.78 -6.42 9.00
N TRP B 249 32.21 -6.63 10.17
CA TRP B 249 32.96 -7.15 11.32
C TRP B 249 32.07 -8.14 12.07
N GLU B 250 32.53 -9.38 12.20
CA GLU B 250 31.76 -10.39 12.91
C GLU B 250 32.18 -10.40 14.38
N GLU B 251 31.21 -10.28 15.28
CA GLU B 251 31.50 -10.30 16.70
C GLU B 251 32.05 -11.69 17.07
N PRO B 252 33.13 -11.76 17.86
CA PRO B 252 33.72 -13.03 18.26
C PRO B 252 32.76 -13.89 19.09
N MET C 1 -26.24 32.10 -3.57
CA MET C 1 -25.66 31.33 -4.70
C MET C 1 -26.07 29.85 -4.62
N ARG C 2 -26.49 29.31 -5.76
CA ARG C 2 -26.89 27.92 -5.85
C ARG C 2 -25.94 27.19 -6.79
N VAL C 3 -25.17 26.26 -6.23
CA VAL C 3 -24.20 25.50 -6.98
C VAL C 3 -24.55 24.02 -7.03
N LEU C 4 -24.38 23.43 -8.21
CA LEU C 4 -24.66 22.02 -8.38
C LEU C 4 -23.33 21.34 -8.70
N PHE C 5 -22.93 20.39 -7.86
CA PHE C 5 -21.68 19.65 -8.08
C PHE C 5 -21.99 18.22 -8.47
N ILE C 6 -21.73 17.88 -9.73
CA ILE C 6 -22.00 16.54 -10.24
C ILE C 6 -20.88 15.55 -9.94
N GLY C 7 -21.26 14.35 -9.50
CA GLY C 7 -20.30 13.32 -9.18
C GLY C 7 -19.62 12.77 -10.43
N ASP C 8 -18.41 12.24 -10.26
CA ASP C 8 -17.60 11.70 -11.35
C ASP C 8 -18.35 11.10 -12.55
N VAL C 9 -18.33 11.81 -13.68
CA VAL C 9 -18.99 11.36 -14.89
C VAL C 9 -18.25 10.16 -15.49
N MET C 10 -18.87 8.98 -15.35
CA MET C 10 -18.29 7.74 -15.83
C MET C 10 -18.69 7.33 -17.25
N ALA C 11 -17.71 7.30 -18.13
CA ALA C 11 -17.88 6.88 -19.52
C ALA C 11 -19.17 7.31 -20.24
N GLU C 12 -19.50 6.58 -21.30
CA GLU C 12 -20.67 6.84 -22.13
C GLU C 12 -21.97 7.09 -21.35
N PRO C 13 -22.39 6.13 -20.51
CA PRO C 13 -23.61 6.31 -19.74
C PRO C 13 -23.60 7.61 -18.92
N GLY C 14 -22.55 7.79 -18.14
CA GLY C 14 -22.44 8.98 -17.33
C GLY C 14 -22.58 10.23 -18.17
N LEU C 15 -21.82 10.28 -19.26
CA LEU C 15 -21.81 11.40 -20.18
C LEU C 15 -23.20 11.65 -20.78
N ARG C 16 -23.93 10.57 -21.03
CA ARG C 16 -25.29 10.65 -21.58
C ARG C 16 -26.26 11.24 -20.56
N ALA C 17 -26.22 10.70 -19.34
CA ALA C 17 -27.08 11.15 -18.25
C ALA C 17 -27.01 12.66 -18.07
N VAL C 18 -25.78 13.18 -18.10
CA VAL C 18 -25.54 14.61 -17.95
C VAL C 18 -26.17 15.42 -19.09
N GLY C 19 -25.94 14.95 -20.32
CA GLY C 19 -26.46 15.64 -21.48
C GLY C 19 -27.98 15.64 -21.59
N LEU C 20 -28.60 14.53 -21.19
CA LEU C 20 -30.06 14.41 -21.25
C LEU C 20 -30.77 15.16 -20.13
N HIS C 21 -30.26 15.02 -18.90
CA HIS C 21 -30.87 15.63 -17.74
C HIS C 21 -30.46 17.05 -17.35
N LEU C 22 -29.16 17.32 -17.30
CA LEU C 22 -28.70 18.65 -16.89
C LEU C 22 -29.39 19.79 -17.62
N PRO C 23 -29.68 19.63 -18.91
CA PRO C 23 -30.34 20.75 -19.60
C PRO C 23 -31.74 21.04 -19.03
N ASP C 24 -32.27 20.08 -18.27
CA ASP C 24 -33.60 20.23 -17.69
C ASP C 24 -33.58 21.03 -16.38
N ILE C 25 -32.58 20.78 -15.54
CA ILE C 25 -32.49 21.46 -14.25
C ILE C 25 -31.46 22.59 -14.21
N ARG C 26 -30.79 22.84 -15.32
CA ARG C 26 -29.76 23.87 -15.37
C ARG C 26 -30.18 25.25 -14.83
N ASP C 27 -31.43 25.63 -15.08
CA ASP C 27 -31.93 26.92 -14.63
C ASP C 27 -32.11 27.01 -13.11
N ARG C 28 -32.08 25.85 -12.44
CA ARG C 28 -32.25 25.80 -11.00
C ARG C 28 -30.97 26.14 -10.23
N TYR C 29 -29.87 26.39 -10.94
CA TYR C 29 -28.60 26.71 -10.27
C TYR C 29 -27.81 27.82 -10.95
N ASP C 30 -26.96 28.48 -10.16
CA ASP C 30 -26.12 29.57 -10.67
C ASP C 30 -24.83 29.03 -11.28
N LEU C 31 -24.25 28.03 -10.63
CA LEU C 31 -23.01 27.42 -11.11
C LEU C 31 -23.09 25.90 -11.06
N VAL C 32 -22.59 25.27 -12.12
CA VAL C 32 -22.58 23.81 -12.19
C VAL C 32 -21.17 23.32 -12.37
N ILE C 33 -20.72 22.50 -11.43
CA ILE C 33 -19.38 21.94 -11.43
C ILE C 33 -19.46 20.42 -11.51
N ALA C 34 -18.53 19.82 -12.25
CA ALA C 34 -18.54 18.38 -12.39
C ALA C 34 -17.16 17.74 -12.38
N ASN C 35 -17.08 16.55 -11.80
CA ASN C 35 -15.83 15.83 -11.80
C ASN C 35 -15.92 15.07 -13.10
N GLY C 36 -14.88 15.15 -13.93
CA GLY C 36 -14.93 14.45 -15.19
C GLY C 36 -13.69 13.63 -15.49
N GLU C 37 -13.05 13.10 -14.45
CA GLU C 37 -11.84 12.32 -14.63
C GLU C 37 -12.06 10.92 -15.22
N ASN C 38 -13.30 10.58 -15.49
CA ASN C 38 -13.63 9.28 -16.07
C ASN C 38 -14.60 9.45 -17.25
N ALA C 39 -14.83 10.70 -17.62
CA ALA C 39 -15.74 11.07 -18.70
C ALA C 39 -15.45 10.43 -20.07
N ALA C 40 -14.19 10.31 -20.41
CA ALA C 40 -13.80 9.74 -21.70
C ALA C 40 -13.64 8.22 -21.65
N ARG C 41 -14.75 7.49 -21.73
CA ARG C 41 -14.73 6.03 -21.70
C ARG C 41 -14.22 5.48 -20.37
N GLY C 42 -14.37 6.25 -19.31
CA GLY C 42 -13.94 5.81 -18.00
C GLY C 42 -12.45 6.01 -17.77
N LYS C 43 -11.78 6.61 -18.75
CA LYS C 43 -10.34 6.85 -18.63
C LYS C 43 -9.98 8.30 -18.94
N GLY C 44 -9.91 9.13 -17.91
CA GLY C 44 -9.55 10.53 -18.11
C GLY C 44 -10.57 11.38 -18.83
N LEU C 45 -10.09 12.46 -19.43
CA LEU C 45 -10.94 13.41 -20.15
C LEU C 45 -10.33 13.75 -21.51
N ASP C 46 -11.17 14.08 -22.48
CA ASP C 46 -10.71 14.47 -23.82
C ASP C 46 -11.62 15.54 -24.42
N ARG C 47 -11.28 16.01 -25.63
CA ARG C 47 -12.06 17.04 -26.31
C ARG C 47 -13.55 16.74 -26.42
N ARG C 48 -13.87 15.58 -26.98
CA ARG C 48 -15.27 15.18 -27.16
C ARG C 48 -15.99 15.15 -25.80
N SER C 49 -15.37 14.52 -24.83
CA SER C 49 -15.93 14.39 -23.48
C SER C 49 -16.20 15.77 -22.90
N TYR C 50 -15.20 16.64 -23.00
CA TYR C 50 -15.30 17.98 -22.49
C TYR C 50 -16.37 18.81 -23.17
N ARG C 51 -16.44 18.74 -24.50
CA ARG C 51 -17.45 19.50 -25.23
C ARG C 51 -18.84 19.10 -24.78
N LEU C 52 -19.10 17.80 -24.73
CA LEU C 52 -20.41 17.32 -24.30
C LEU C 52 -20.76 17.79 -22.90
N LEU C 53 -19.78 17.86 -22.01
CA LEU C 53 -20.04 18.32 -20.64
C LEU C 53 -20.40 19.80 -20.64
N ARG C 54 -19.67 20.60 -21.40
CA ARG C 54 -19.92 22.04 -21.47
C ARG C 54 -21.26 22.33 -22.14
N GLU C 55 -21.53 21.63 -23.23
CA GLU C 55 -22.77 21.81 -23.96
C GLU C 55 -23.95 21.36 -23.12
N ALA C 56 -23.67 20.60 -22.08
CA ALA C 56 -24.71 20.10 -21.19
C ALA C 56 -25.03 21.09 -20.09
N GLY C 57 -24.20 22.10 -19.91
CA GLY C 57 -24.44 23.09 -18.88
C GLY C 57 -23.40 23.16 -17.76
N VAL C 58 -22.31 22.42 -17.91
CA VAL C 58 -21.25 22.42 -16.91
C VAL C 58 -20.33 23.63 -17.14
N ASP C 59 -20.06 24.38 -16.08
CA ASP C 59 -19.21 25.56 -16.15
C ASP C 59 -17.75 25.25 -15.86
N LEU C 60 -17.50 24.20 -15.07
CA LEU C 60 -16.15 23.83 -14.70
C LEU C 60 -16.05 22.31 -14.51
N VAL C 61 -14.93 21.73 -14.95
CA VAL C 61 -14.71 20.29 -14.83
C VAL C 61 -13.44 20.01 -14.02
N SER C 62 -13.55 19.11 -13.05
CA SER C 62 -12.39 18.75 -12.23
C SER C 62 -11.88 17.41 -12.69
N LEU C 63 -10.65 17.07 -12.33
CA LEU C 63 -10.05 15.81 -12.74
C LEU C 63 -9.74 14.86 -11.59
N GLY C 64 -8.48 14.45 -11.48
CA GLY C 64 -8.11 13.53 -10.44
C GLY C 64 -6.93 12.68 -10.86
N ASN C 65 -6.86 11.45 -10.35
CA ASN C 65 -5.77 10.52 -10.66
C ASN C 65 -5.58 10.17 -12.13
N HIS C 66 -6.68 10.10 -12.89
CA HIS C 66 -6.61 9.78 -14.32
C HIS C 66 -6.54 11.02 -15.20
N ALA C 67 -6.24 12.17 -14.61
CA ALA C 67 -6.17 13.41 -15.38
C ALA C 67 -5.19 13.38 -16.56
N TRP C 68 -4.21 12.49 -16.51
CA TRP C 68 -3.19 12.44 -17.56
C TRP C 68 -3.28 11.31 -18.58
N ASP C 69 -4.37 10.55 -18.54
CA ASP C 69 -4.55 9.45 -19.48
C ASP C 69 -4.62 9.87 -20.95
N HIS C 70 -5.05 11.10 -21.21
CA HIS C 70 -5.16 11.58 -22.58
C HIS C 70 -4.33 12.84 -22.84
N LYS C 71 -3.59 12.84 -23.94
CA LYS C 71 -2.75 13.96 -24.31
C LYS C 71 -3.56 15.24 -24.51
N GLU C 72 -4.78 15.10 -25.00
CA GLU C 72 -5.64 16.26 -25.23
C GLU C 72 -5.93 17.04 -23.95
N VAL C 73 -5.79 16.40 -22.79
CA VAL C 73 -6.08 17.07 -21.52
C VAL C 73 -5.21 18.28 -21.26
N TYR C 74 -3.95 18.23 -21.71
CA TYR C 74 -3.03 19.33 -21.50
C TYR C 74 -3.51 20.62 -22.15
N ALA C 75 -4.04 20.52 -23.36
CA ALA C 75 -4.56 21.69 -24.06
C ALA C 75 -5.77 22.22 -23.29
N LEU C 76 -6.64 21.32 -22.84
CA LEU C 76 -7.82 21.71 -22.08
C LEU C 76 -7.41 22.42 -20.80
N LEU C 77 -6.35 21.89 -20.17
CA LEU C 77 -5.82 22.45 -18.94
C LEU C 77 -5.27 23.85 -19.14
N GLU C 78 -4.83 24.15 -20.36
CA GLU C 78 -4.26 25.45 -20.65
C GLU C 78 -5.27 26.57 -20.91
N SER C 79 -6.35 26.27 -21.62
CA SER C 79 -7.33 27.30 -21.94
C SER C 79 -8.71 27.15 -21.32
N GLU C 80 -9.22 25.92 -21.29
CA GLU C 80 -10.55 25.66 -20.76
C GLU C 80 -10.66 25.65 -19.24
N PRO C 81 -11.89 25.80 -18.72
CA PRO C 81 -12.11 25.78 -17.28
C PRO C 81 -12.09 24.33 -16.77
N VAL C 82 -10.89 23.79 -16.69
CA VAL C 82 -10.68 22.42 -16.22
C VAL C 82 -9.59 22.50 -15.17
N VAL C 83 -9.74 21.75 -14.09
CA VAL C 83 -8.74 21.75 -13.04
C VAL C 83 -8.27 20.34 -12.72
N ARG C 84 -7.06 20.27 -12.16
CA ARG C 84 -6.46 19.01 -11.75
C ARG C 84 -6.10 19.29 -10.30
N PRO C 85 -5.74 18.25 -9.52
CA PRO C 85 -5.40 18.50 -8.12
C PRO C 85 -4.30 19.54 -7.89
N LEU C 86 -4.59 20.46 -6.98
CA LEU C 86 -3.69 21.54 -6.58
C LEU C 86 -2.45 20.89 -5.99
N ASN C 87 -2.73 19.74 -5.39
CA ASN C 87 -1.61 19.18 -4.68
C ASN C 87 -0.60 18.31 -5.46
N TYR C 88 -0.52 18.51 -6.77
CA TYR C 88 0.61 18.00 -7.57
C TYR C 88 1.86 18.88 -7.40
N PRO C 89 3.04 18.37 -7.83
CA PRO C 89 4.28 19.14 -7.68
C PRO C 89 4.32 20.40 -8.54
N PRO C 90 5.12 21.40 -8.13
CA PRO C 90 5.22 22.63 -8.91
C PRO C 90 5.72 22.30 -10.32
N GLY C 91 5.29 23.08 -11.31
CA GLY C 91 5.70 22.81 -12.68
C GLY C 91 4.71 21.85 -13.34
N THR C 92 3.65 21.52 -12.62
CA THR C 92 2.60 20.63 -13.10
C THR C 92 1.67 21.41 -14.06
N PRO C 93 1.24 20.77 -15.15
CA PRO C 93 0.34 21.44 -16.12
C PRO C 93 -1.03 21.84 -15.53
N GLY C 94 -1.54 22.98 -15.99
CA GLY C 94 -2.83 23.45 -15.52
C GLY C 94 -2.87 24.03 -14.13
N LYS C 95 -4.09 24.29 -13.63
CA LYS C 95 -4.28 24.86 -12.31
C LYS C 95 -4.98 23.88 -11.39
N GLY C 96 -4.97 24.17 -10.10
CA GLY C 96 -5.62 23.33 -9.11
C GLY C 96 -6.75 24.08 -8.42
N PHE C 97 -7.09 25.25 -8.95
CA PHE C 97 -8.16 26.08 -8.42
C PHE C 97 -8.75 26.91 -9.55
N TRP C 98 -9.92 27.48 -9.32
CA TRP C 98 -10.58 28.28 -10.35
C TRP C 98 -11.57 29.26 -9.72
N ARG C 99 -11.54 30.51 -10.19
CA ARG C 99 -12.42 31.54 -9.68
C ARG C 99 -13.61 31.67 -10.60
N LEU C 100 -14.79 31.34 -10.10
CA LEU C 100 -16.01 31.47 -10.89
C LEU C 100 -16.71 32.70 -10.38
N GLU C 101 -17.54 33.30 -11.22
CA GLU C 101 -18.26 34.49 -10.82
C GLU C 101 -19.64 34.50 -11.44
N VAL C 102 -20.64 34.82 -10.63
CA VAL C 102 -22.00 34.89 -11.11
C VAL C 102 -22.70 36.07 -10.45
N GLY C 103 -23.00 37.08 -11.26
CA GLY C 103 -23.66 38.27 -10.77
C GLY C 103 -23.21 38.80 -9.42
N GLY C 104 -22.01 39.37 -9.38
CA GLY C 104 -21.50 39.93 -8.14
C GLY C 104 -20.83 39.01 -7.14
N GLU C 105 -21.35 37.79 -6.98
CA GLU C 105 -20.77 36.84 -6.05
C GLU C 105 -19.65 36.04 -6.72
N SER C 106 -18.64 35.67 -5.95
CA SER C 106 -17.51 34.89 -6.46
C SER C 106 -17.38 33.53 -5.76
N LEU C 107 -16.96 32.53 -6.50
CA LEU C 107 -16.77 31.18 -5.95
C LEU C 107 -15.43 30.58 -6.28
N LEU C 108 -14.64 30.29 -5.25
CA LEU C 108 -13.34 29.68 -5.44
C LEU C 108 -13.52 28.16 -5.33
N PHE C 109 -13.23 27.46 -6.40
CA PHE C 109 -13.34 26.01 -6.37
C PHE C 109 -11.94 25.43 -6.34
N VAL C 110 -11.74 24.44 -5.49
CA VAL C 110 -10.44 23.79 -5.37
C VAL C 110 -10.58 22.28 -5.29
N GLN C 111 -9.63 21.58 -5.89
CA GLN C 111 -9.62 20.13 -5.83
C GLN C 111 -8.27 19.65 -5.32
N VAL C 112 -8.30 18.86 -4.27
CA VAL C 112 -7.07 18.31 -3.74
C VAL C 112 -7.23 16.80 -3.80
N MET C 113 -6.11 16.11 -3.74
CA MET C 113 -6.11 14.66 -3.80
C MET C 113 -5.56 14.10 -2.50
N GLY C 114 -6.19 13.03 -2.01
CA GLY C 114 -5.73 12.39 -0.80
C GLY C 114 -4.45 11.64 -1.10
N ARG C 115 -3.77 11.16 -0.07
CA ARG C 115 -2.52 10.44 -0.29
C ARG C 115 -2.57 9.02 0.28
N ILE C 116 -3.44 8.79 1.25
CA ILE C 116 -3.53 7.45 1.82
C ILE C 116 -4.05 6.51 0.73
N PHE C 117 -3.45 5.32 0.65
CA PHE C 117 -3.83 4.33 -0.35
C PHE C 117 -3.76 4.89 -1.75
N MET C 118 -2.91 5.89 -1.95
CA MET C 118 -2.77 6.51 -3.26
C MET C 118 -1.31 6.88 -3.51
N ASP C 119 -1.04 7.68 -4.52
CA ASP C 119 0.34 8.05 -4.82
C ASP C 119 0.91 9.18 -3.99
N PRO C 120 2.25 9.27 -3.93
CA PRO C 120 2.94 10.33 -3.17
C PRO C 120 2.81 11.68 -3.87
N LEU C 121 2.12 12.62 -3.25
CA LEU C 121 1.97 13.96 -3.82
C LEU C 121 2.29 14.93 -2.70
N ASP C 122 2.15 16.23 -2.95
CA ASP C 122 2.42 17.25 -1.93
C ASP C 122 1.36 17.18 -0.84
N ASP C 123 1.67 17.76 0.31
CA ASP C 123 0.75 17.80 1.45
C ASP C 123 -0.45 18.66 1.07
N PRO C 124 -1.65 18.05 0.95
CA PRO C 124 -2.87 18.78 0.58
C PRO C 124 -3.31 19.82 1.60
N PHE C 125 -3.08 19.53 2.88
CA PHE C 125 -3.46 20.47 3.94
C PHE C 125 -2.72 21.80 3.79
N ARG C 126 -1.39 21.74 3.80
CA ARG C 126 -0.61 22.97 3.69
C ARG C 126 -0.73 23.58 2.30
N ALA C 127 -1.11 22.79 1.31
CA ALA C 127 -1.31 23.33 -0.03
C ALA C 127 -2.56 24.23 0.02
N LEU C 128 -3.57 23.80 0.77
CA LEU C 128 -4.81 24.58 0.92
C LEU C 128 -4.57 25.87 1.69
N ASP C 129 -3.72 25.84 2.72
CA ASP C 129 -3.43 27.03 3.50
C ASP C 129 -2.83 28.11 2.60
N ARG C 130 -1.86 27.72 1.79
CA ARG C 130 -1.18 28.64 0.90
C ARG C 130 -2.12 29.21 -0.17
N LEU C 131 -2.93 28.36 -0.78
CA LEU C 131 -3.85 28.83 -1.81
C LEU C 131 -4.89 29.79 -1.24
N LEU C 132 -5.43 29.43 -0.08
CA LEU C 132 -6.45 30.25 0.55
C LEU C 132 -5.99 31.64 1.01
N GLU C 133 -4.68 31.86 1.00
CA GLU C 133 -4.13 33.17 1.40
C GLU C 133 -4.09 34.11 0.20
N GLU C 134 -3.79 33.54 -0.96
CA GLU C 134 -3.68 34.30 -2.20
C GLU C 134 -4.93 34.37 -3.06
N GLU C 135 -5.88 33.48 -2.77
CA GLU C 135 -7.13 33.42 -3.51
C GLU C 135 -8.30 33.56 -2.55
N LYS C 136 -9.02 34.66 -2.68
CA LYS C 136 -10.18 34.95 -1.84
C LYS C 136 -11.43 35.05 -2.70
N ALA C 137 -12.57 34.64 -2.14
CA ALA C 137 -13.83 34.70 -2.83
C ALA C 137 -14.97 34.67 -1.82
N ASP C 138 -16.14 35.12 -2.23
CA ASP C 138 -17.32 35.14 -1.36
C ASP C 138 -17.56 33.77 -0.74
N TYR C 139 -17.41 32.71 -1.53
CA TYR C 139 -17.61 31.35 -1.04
C TYR C 139 -16.49 30.44 -1.52
N VAL C 140 -16.25 29.35 -0.81
CA VAL C 140 -15.19 28.43 -1.22
C VAL C 140 -15.68 26.98 -1.21
N LEU C 141 -15.50 26.30 -2.35
CA LEU C 141 -15.89 24.91 -2.48
C LEU C 141 -14.65 24.06 -2.71
N VAL C 142 -14.38 23.13 -1.78
CA VAL C 142 -13.22 22.27 -1.88
C VAL C 142 -13.62 20.83 -2.16
N GLU C 143 -13.09 20.27 -3.25
CA GLU C 143 -13.38 18.87 -3.59
C GLU C 143 -12.18 18.03 -3.16
N VAL C 144 -12.43 17.03 -2.32
CA VAL C 144 -11.37 16.15 -1.87
C VAL C 144 -11.54 14.79 -2.53
N HIS C 145 -10.72 14.54 -3.54
CA HIS C 145 -10.73 13.29 -4.29
C HIS C 145 -9.77 12.33 -3.58
N ALA C 146 -10.30 11.45 -2.73
CA ALA C 146 -9.46 10.53 -1.98
C ALA C 146 -10.10 9.18 -1.67
N GLU C 147 -9.30 8.26 -1.15
CA GLU C 147 -9.77 6.93 -0.81
C GLU C 147 -10.21 6.82 0.65
N ALA C 148 -9.33 7.24 1.56
CA ALA C 148 -9.62 7.18 3.00
C ALA C 148 -10.62 8.21 3.50
N THR C 149 -11.71 7.72 4.09
CA THR C 149 -12.71 8.61 4.64
C THR C 149 -12.09 9.47 5.75
N SER C 150 -11.15 8.90 6.51
CA SER C 150 -10.50 9.64 7.60
C SER C 150 -9.72 10.85 7.09
N GLU C 151 -9.12 10.72 5.92
CA GLU C 151 -8.36 11.81 5.33
C GLU C 151 -9.32 12.89 4.83
N LYS C 152 -10.40 12.48 4.18
CA LYS C 152 -11.40 13.44 3.70
C LYS C 152 -11.98 14.23 4.88
N MET C 153 -12.25 13.54 5.97
CA MET C 153 -12.82 14.20 7.13
C MET C 153 -11.81 15.12 7.82
N ALA C 154 -10.58 14.65 7.93
CA ALA C 154 -9.53 15.44 8.56
C ALA C 154 -9.37 16.74 7.78
N LEU C 155 -9.42 16.63 6.45
CA LEU C 155 -9.30 17.81 5.59
C LEU C 155 -10.52 18.70 5.82
N ALA C 156 -11.70 18.08 5.88
CA ALA C 156 -12.94 18.85 6.11
C ALA C 156 -12.85 19.68 7.40
N HIS C 157 -12.45 19.03 8.49
CA HIS C 157 -12.32 19.72 9.77
C HIS C 157 -11.23 20.79 9.72
N TYR C 158 -10.15 20.50 8.99
CA TYR C 158 -9.06 21.44 8.84
C TYR C 158 -9.56 22.70 8.13
N LEU C 159 -10.54 22.54 7.23
CA LEU C 159 -11.12 23.65 6.47
C LEU C 159 -12.36 24.22 7.12
N ASP C 160 -12.85 23.56 8.16
CA ASP C 160 -14.05 24.02 8.84
C ASP C 160 -13.99 25.51 9.16
N GLY C 161 -15.04 26.24 8.78
CA GLY C 161 -15.06 27.66 9.07
C GLY C 161 -14.25 28.47 8.07
N ARG C 162 -13.51 27.77 7.22
CA ARG C 162 -12.70 28.42 6.19
C ARG C 162 -13.27 28.17 4.80
N ALA C 163 -13.69 26.93 4.57
CA ALA C 163 -14.29 26.55 3.30
C ALA C 163 -15.80 26.61 3.50
N SER C 164 -16.53 26.93 2.44
CA SER C 164 -18.00 26.98 2.55
C SER C 164 -18.53 25.57 2.54
N ALA C 165 -17.92 24.71 1.74
CA ALA C 165 -18.35 23.33 1.67
C ALA C 165 -17.22 22.43 1.20
N VAL C 166 -17.22 21.19 1.69
CA VAL C 166 -16.20 20.21 1.34
C VAL C 166 -16.88 18.92 0.89
N LEU C 167 -16.67 18.58 -0.38
CA LEU C 167 -17.28 17.38 -0.96
C LEU C 167 -16.20 16.40 -1.41
N GLY C 168 -16.39 15.14 -1.06
CA GLY C 168 -15.41 14.14 -1.45
C GLY C 168 -15.79 13.36 -2.68
N THR C 169 -14.80 12.80 -3.35
CA THR C 169 -15.03 11.99 -4.54
C THR C 169 -14.02 10.85 -4.60
N HIS C 170 -14.04 10.09 -5.70
CA HIS C 170 -13.13 8.96 -5.95
C HIS C 170 -13.68 7.60 -5.54
N THR C 171 -14.59 7.57 -4.59
CA THR C 171 -15.16 6.32 -4.10
C THR C 171 -16.27 5.72 -4.97
N HIS C 172 -16.90 6.56 -5.79
CA HIS C 172 -17.96 6.11 -6.70
C HIS C 172 -19.26 5.63 -6.06
N VAL C 173 -19.45 5.91 -4.79
CA VAL C 173 -20.67 5.50 -4.10
C VAL C 173 -21.14 6.64 -3.21
N PRO C 174 -22.35 7.16 -3.47
CA PRO C 174 -22.89 8.25 -2.67
C PRO C 174 -23.03 7.86 -1.20
N THR C 175 -22.65 8.76 -0.30
CA THR C 175 -22.74 8.50 1.13
C THR C 175 -23.89 9.32 1.71
N LEU C 176 -24.59 8.72 2.65
CA LEU C 176 -25.70 9.39 3.31
C LEU C 176 -25.13 10.07 4.56
N ASP C 177 -24.30 11.09 4.37
CA ASP C 177 -23.73 11.80 5.51
C ASP C 177 -23.54 13.30 5.29
N ALA C 178 -24.31 13.86 4.37
CA ALA C 178 -24.23 15.28 4.11
C ALA C 178 -24.49 15.94 5.47
N THR C 179 -23.75 16.99 5.80
CA THR C 179 -23.93 17.64 7.09
C THR C 179 -23.19 18.97 7.22
N ARG C 180 -23.39 19.63 8.37
CA ARG C 180 -22.73 20.90 8.66
C ARG C 180 -21.78 20.70 9.83
N LEU C 181 -20.53 21.14 9.64
CA LEU C 181 -19.52 20.98 10.69
C LEU C 181 -19.64 22.08 11.75
N PRO C 182 -19.04 21.85 12.94
CA PRO C 182 -19.07 22.80 14.05
C PRO C 182 -18.95 24.27 13.68
N LYS C 183 -18.11 24.59 12.69
CA LYS C 183 -17.94 25.98 12.30
C LYS C 183 -18.71 26.37 11.03
N GLY C 184 -19.75 25.61 10.71
CA GLY C 184 -20.57 25.93 9.56
C GLY C 184 -20.26 25.30 8.21
N THR C 185 -19.04 24.78 8.03
CA THR C 185 -18.69 24.17 6.75
C THR C 185 -19.53 22.92 6.41
N LEU C 186 -20.14 22.92 5.23
CA LEU C 186 -20.95 21.78 4.80
C LEU C 186 -20.03 20.63 4.34
N TYR C 187 -20.46 19.40 4.54
CA TYR C 187 -19.63 18.25 4.18
C TYR C 187 -20.38 16.96 3.83
N GLN C 188 -19.76 16.18 2.93
CA GLN C 188 -20.25 14.87 2.49
C GLN C 188 -19.06 14.04 2.01
N THR C 189 -18.93 12.82 2.55
CA THR C 189 -17.82 11.93 2.20
C THR C 189 -17.67 11.64 0.71
N ASP C 190 -18.77 11.36 0.01
CA ASP C 190 -18.69 11.12 -1.42
C ASP C 190 -19.99 11.41 -2.16
N VAL C 191 -19.91 12.32 -3.12
CA VAL C 191 -21.04 12.72 -3.94
C VAL C 191 -21.62 11.53 -4.69
N GLY C 192 -20.77 10.56 -5.01
CA GLY C 192 -21.22 9.39 -5.74
C GLY C 192 -20.88 9.57 -7.20
N MET C 193 -20.95 8.51 -7.99
CA MET C 193 -20.62 8.63 -9.40
C MET C 193 -21.81 8.71 -10.34
N THR C 194 -21.58 9.36 -11.48
CA THR C 194 -22.59 9.52 -12.50
C THR C 194 -22.27 8.59 -13.67
N GLY C 195 -23.03 7.51 -13.77
CA GLY C 195 -22.84 6.53 -14.83
C GLY C 195 -23.71 5.34 -14.50
N THR C 196 -23.68 4.30 -15.32
CA THR C 196 -24.50 3.12 -15.05
C THR C 196 -24.00 2.40 -13.80
N TYR C 197 -24.89 2.17 -12.85
CA TYR C 197 -24.49 1.48 -11.63
C TYR C 197 -24.55 -0.03 -11.76
N HIS C 198 -24.93 -0.51 -12.95
CA HIS C 198 -24.95 -1.95 -13.16
C HIS C 198 -23.54 -2.26 -13.63
N SER C 199 -22.61 -2.17 -12.69
CA SER C 199 -21.21 -2.41 -12.96
C SER C 199 -20.47 -2.30 -11.65
N ILE C 200 -19.18 -2.56 -11.69
CA ILE C 200 -18.35 -2.43 -10.49
C ILE C 200 -17.61 -1.13 -10.72
N ILE C 201 -18.05 -0.08 -10.03
CA ILE C 201 -17.49 1.26 -10.13
C ILE C 201 -17.27 1.76 -11.57
N GLY C 202 -18.27 1.52 -12.41
CA GLY C 202 -18.20 1.99 -13.79
C GLY C 202 -17.64 0.99 -14.80
N GLY C 203 -16.98 -0.05 -14.29
CA GLY C 203 -16.40 -1.05 -15.16
C GLY C 203 -17.27 -2.29 -15.33
N GLU C 204 -17.07 -2.99 -16.44
CA GLU C 204 -17.84 -4.19 -16.72
C GLU C 204 -17.70 -5.15 -15.56
N VAL C 205 -18.83 -5.63 -15.07
CA VAL C 205 -18.84 -6.58 -13.95
C VAL C 205 -17.92 -7.76 -14.19
N GLU C 206 -18.06 -8.40 -15.35
CA GLU C 206 -17.25 -9.55 -15.68
C GLU C 206 -15.76 -9.24 -15.65
N THR C 207 -15.38 -8.11 -16.22
CA THR C 207 -13.98 -7.71 -16.27
C THR C 207 -13.39 -7.61 -14.87
N PHE C 208 -14.01 -6.82 -13.99
CA PHE C 208 -13.51 -6.67 -12.63
C PHE C 208 -13.57 -7.95 -11.82
N LEU C 209 -14.56 -8.78 -12.09
CA LEU C 209 -14.71 -10.04 -11.38
C LEU C 209 -13.56 -10.94 -11.83
N ALA C 210 -13.17 -10.83 -13.10
CA ALA C 210 -12.06 -11.63 -13.64
C ALA C 210 -10.74 -11.24 -12.95
N ARG C 211 -10.54 -9.94 -12.72
CA ARG C 211 -9.31 -9.46 -12.06
C ARG C 211 -9.21 -10.05 -10.65
N PHE C 212 -10.30 -9.97 -9.91
CA PHE C 212 -10.33 -10.47 -8.54
C PHE C 212 -10.18 -11.99 -8.38
N LEU C 213 -10.64 -12.75 -9.37
CA LEU C 213 -10.56 -14.21 -9.29
C LEU C 213 -9.25 -14.79 -9.83
N THR C 214 -8.71 -14.19 -10.88
CA THR C 214 -7.48 -14.69 -11.49
C THR C 214 -6.22 -14.09 -10.89
N GLY C 215 -6.29 -12.82 -10.53
CA GLY C 215 -5.12 -12.16 -9.97
C GLY C 215 -4.18 -11.79 -11.11
N ARG C 216 -4.72 -11.80 -12.32
CA ARG C 216 -3.98 -11.46 -13.53
C ARG C 216 -4.67 -10.27 -14.18
N PRO C 217 -3.89 -9.42 -14.87
CA PRO C 217 -4.44 -8.23 -15.52
C PRO C 217 -5.57 -8.47 -16.54
N GLN C 218 -6.54 -7.56 -16.54
CA GLN C 218 -7.67 -7.60 -17.46
C GLN C 218 -7.89 -6.14 -17.85
N PRO C 219 -7.76 -5.82 -19.13
CA PRO C 219 -7.94 -4.44 -19.62
C PRO C 219 -9.25 -3.82 -19.14
N PHE C 220 -9.21 -2.54 -18.79
CA PHE C 220 -10.42 -1.86 -18.33
C PHE C 220 -11.42 -1.77 -19.47
N ARG C 221 -12.69 -1.94 -19.12
CA ARG C 221 -13.81 -1.88 -20.07
C ARG C 221 -14.99 -1.25 -19.36
N ALA C 222 -15.46 -0.11 -19.86
CA ALA C 222 -16.57 0.59 -19.25
C ALA C 222 -17.90 -0.13 -19.44
N ALA C 223 -18.66 -0.26 -18.36
CA ALA C 223 -19.96 -0.93 -18.43
C ALA C 223 -20.91 -0.02 -19.20
N GLN C 224 -21.92 -0.63 -19.80
CA GLN C 224 -22.92 0.12 -20.55
C GLN C 224 -24.26 -0.18 -19.90
N GLY C 225 -25.21 0.74 -20.01
CA GLY C 225 -26.51 0.51 -19.41
C GLY C 225 -27.17 1.78 -18.90
N LYS C 226 -28.32 1.63 -18.27
CA LYS C 226 -29.03 2.78 -17.73
C LYS C 226 -28.20 3.40 -16.62
N ALA C 227 -28.08 4.72 -16.68
CA ALA C 227 -27.29 5.49 -15.73
C ALA C 227 -28.06 6.09 -14.57
N ARG C 228 -27.30 6.44 -13.54
CA ARG C 228 -27.81 7.10 -12.35
C ARG C 228 -26.99 8.39 -12.29
N PHE C 229 -27.69 9.52 -12.27
CA PHE C 229 -27.06 10.83 -12.21
C PHE C 229 -26.95 11.27 -10.74
N HIS C 230 -25.72 11.28 -10.22
CA HIS C 230 -25.49 11.67 -8.82
C HIS C 230 -24.81 13.02 -8.67
N ALA C 231 -25.35 13.84 -7.79
CA ALA C 231 -24.79 15.17 -7.55
C ALA C 231 -25.18 15.63 -6.15
N THR C 232 -24.77 16.85 -5.81
CA THR C 232 -25.11 17.42 -4.50
C THR C 232 -25.34 18.90 -4.68
N GLU C 233 -26.50 19.35 -4.19
CA GLU C 233 -26.87 20.76 -4.29
C GLU C 233 -26.34 21.53 -3.11
N LEU C 234 -25.77 22.70 -3.38
CA LEU C 234 -25.23 23.54 -2.34
C LEU C 234 -25.87 24.93 -2.43
N VAL C 235 -26.19 25.50 -1.28
CA VAL C 235 -26.78 26.82 -1.23
C VAL C 235 -25.94 27.73 -0.32
N PHE C 236 -25.42 28.82 -0.88
CA PHE C 236 -24.62 29.76 -0.12
C PHE C 236 -25.31 31.12 -0.11
N GLU C 237 -25.72 31.57 1.08
CA GLU C 237 -26.41 32.85 1.21
C GLU C 237 -25.79 33.71 2.32
N GLY C 238 -26.05 35.01 2.28
CA GLY C 238 -25.53 35.91 3.30
C GLY C 238 -24.07 35.69 3.68
N GLY C 239 -23.29 35.07 2.80
CA GLY C 239 -21.89 34.82 3.09
C GLY C 239 -21.62 33.60 3.95
N ARG C 240 -22.56 32.66 3.98
CA ARG C 240 -22.40 31.45 4.78
C ARG C 240 -23.08 30.26 4.11
N PRO C 241 -22.55 29.05 4.33
CA PRO C 241 -23.16 27.85 3.73
C PRO C 241 -24.50 27.55 4.38
N VAL C 242 -25.56 27.56 3.57
CA VAL C 242 -26.90 27.33 4.06
C VAL C 242 -27.38 25.90 3.97
N ALA C 243 -27.41 25.35 2.76
CA ALA C 243 -27.92 23.99 2.61
C ALA C 243 -27.09 23.07 1.70
N ILE C 244 -27.13 21.79 2.03
CA ILE C 244 -26.43 20.77 1.25
C ILE C 244 -27.39 19.60 1.13
N SER C 245 -27.67 19.19 -0.11
CA SER C 245 -28.61 18.09 -0.32
C SER C 245 -28.25 17.16 -1.48
N PRO C 246 -28.08 15.87 -1.19
CA PRO C 246 -27.74 14.89 -2.23
C PRO C 246 -28.78 14.97 -3.35
N TYR C 247 -28.45 14.45 -4.53
CA TYR C 247 -29.36 14.52 -5.66
C TYR C 247 -29.18 13.32 -6.60
N VAL C 248 -30.27 12.63 -6.91
CA VAL C 248 -30.23 11.45 -7.78
C VAL C 248 -31.30 11.49 -8.87
N TRP C 249 -31.00 10.84 -10.00
CA TRP C 249 -31.92 10.77 -11.14
C TRP C 249 -31.73 9.47 -11.92
N GLU C 250 -32.66 8.53 -11.76
CA GLU C 250 -32.59 7.27 -12.47
C GLU C 250 -32.92 7.52 -13.93
N GLU C 251 -32.12 6.99 -14.84
CA GLU C 251 -32.36 7.17 -16.25
C GLU C 251 -33.57 6.36 -16.67
N PRO C 252 -34.55 6.99 -17.33
CA PRO C 252 -35.78 6.32 -17.78
C PRO C 252 -35.48 5.03 -18.55
N MET D 1 -38.55 -14.05 8.20
CA MET D 1 -37.45 -13.52 9.00
C MET D 1 -36.98 -12.17 8.46
N ARG D 2 -37.09 -11.39 9.53
CA ARG D 2 -36.85 -9.96 9.69
C ARG D 2 -35.59 -9.69 10.50
N VAL D 3 -34.57 -9.17 9.82
CA VAL D 3 -33.22 -9.10 10.38
C VAL D 3 -32.80 -7.66 10.53
N LEU D 4 -32.23 -7.32 11.67
CA LEU D 4 -31.63 -6.02 11.77
C LEU D 4 -30.07 -6.09 11.78
N PHE D 5 -29.40 -5.40 10.84
CA PHE D 5 -27.94 -5.31 10.87
C PHE D 5 -27.34 -3.96 11.34
N ILE D 6 -26.58 -4.00 12.43
CA ILE D 6 -26.12 -2.77 13.02
C ILE D 6 -24.70 -2.41 12.69
N GLY D 7 -24.55 -1.25 12.08
CA GLY D 7 -23.27 -0.65 11.67
C GLY D 7 -22.26 -0.45 12.79
N ASP D 8 -21.00 -0.53 12.40
CA ASP D 8 -19.91 -0.62 13.34
C ASP D 8 -20.13 0.09 14.61
N VAL D 9 -20.16 -0.68 15.70
CA VAL D 9 -20.28 -0.11 17.07
C VAL D 9 -18.95 0.49 17.59
N MET D 10 -18.90 1.80 17.58
CA MET D 10 -17.71 2.55 17.80
C MET D 10 -17.54 3.02 19.26
N ALA D 11 -16.65 2.36 19.99
CA ALA D 11 -16.23 2.80 21.34
C ALA D 11 -17.44 3.06 22.30
N GLU D 12 -17.27 3.94 23.32
CA GLU D 12 -18.34 4.08 24.37
C GLU D 12 -19.67 4.69 23.90
N PRO D 13 -19.60 5.74 23.08
CA PRO D 13 -20.87 6.20 22.53
C PRO D 13 -21.65 5.20 21.70
N GLY D 14 -20.91 4.34 21.05
CA GLY D 14 -21.56 3.33 20.24
C GLY D 14 -22.24 2.29 21.12
N LEU D 15 -21.52 1.83 22.14
CA LEU D 15 -22.05 0.84 23.06
C LEU D 15 -23.30 1.39 23.76
N ARG D 16 -23.23 2.67 24.11
CA ARG D 16 -24.32 3.35 24.78
C ARG D 16 -25.56 3.40 23.87
N ALA D 17 -25.37 3.92 22.66
CA ALA D 17 -26.42 4.07 21.67
C ALA D 17 -27.21 2.79 21.45
N VAL D 18 -26.52 1.64 21.46
CA VAL D 18 -27.19 0.37 21.27
C VAL D 18 -27.91 -0.01 22.56
N GLY D 19 -27.20 0.09 23.67
CA GLY D 19 -27.78 -0.25 24.97
C GLY D 19 -29.05 0.52 25.23
N LEU D 20 -29.18 1.68 24.60
CA LEU D 20 -30.34 2.54 24.77
C LEU D 20 -31.47 2.30 23.79
N HIS D 21 -31.16 2.40 22.50
CA HIS D 21 -32.16 2.26 21.46
C HIS D 21 -32.60 0.87 21.01
N LEU D 22 -31.67 -0.09 20.97
CA LEU D 22 -32.03 -1.42 20.51
C LEU D 22 -33.18 -2.08 21.28
N PRO D 23 -33.21 -1.94 22.62
CA PRO D 23 -34.31 -2.58 23.35
C PRO D 23 -35.69 -2.06 22.94
N ASP D 24 -35.75 -0.81 22.51
CA ASP D 24 -37.00 -0.18 22.09
C ASP D 24 -37.54 -0.65 20.74
N ILE D 25 -36.68 -1.21 19.89
CA ILE D 25 -37.12 -1.67 18.58
C ILE D 25 -36.86 -3.15 18.34
N ARG D 26 -36.28 -3.83 19.32
CA ARG D 26 -35.98 -5.24 19.17
C ARG D 26 -37.20 -6.04 18.73
N ASP D 27 -38.38 -5.56 19.10
CA ASP D 27 -39.64 -6.22 18.74
C ASP D 27 -39.76 -6.39 17.23
N ARG D 28 -39.36 -5.36 16.51
CA ARG D 28 -39.43 -5.32 15.06
C ARG D 28 -38.58 -6.36 14.33
N TYR D 29 -37.72 -7.07 15.04
CA TYR D 29 -36.87 -8.04 14.36
C TYR D 29 -36.85 -9.41 15.00
N ASP D 30 -36.56 -10.40 14.17
CA ASP D 30 -36.49 -11.78 14.63
C ASP D 30 -35.08 -12.08 15.10
N LEU D 31 -34.11 -11.43 14.47
CA LEU D 31 -32.70 -11.61 14.79
C LEU D 31 -31.90 -10.32 14.61
N VAL D 32 -30.90 -10.11 15.47
CA VAL D 32 -30.07 -8.93 15.38
C VAL D 32 -28.59 -9.28 15.41
N ILE D 33 -27.83 -8.78 14.44
CA ILE D 33 -26.40 -9.03 14.35
C ILE D 33 -25.67 -7.71 14.40
N ALA D 34 -24.50 -7.69 15.03
CA ALA D 34 -23.74 -6.46 15.13
C ALA D 34 -22.25 -6.65 14.93
N ASN D 35 -21.60 -5.66 14.33
CA ASN D 35 -20.15 -5.69 14.16
C ASN D 35 -19.60 -5.01 15.40
N GLY D 36 -18.84 -5.75 16.19
CA GLY D 36 -18.28 -5.17 17.41
C GLY D 36 -16.78 -5.00 17.34
N GLU D 37 -16.26 -4.94 16.12
CA GLU D 37 -14.84 -4.78 15.87
C GLU D 37 -14.24 -3.67 16.73
N ASN D 38 -15.00 -2.61 16.93
CA ASN D 38 -14.51 -1.47 17.70
C ASN D 38 -15.21 -1.31 19.06
N ALA D 39 -15.95 -2.32 19.50
CA ALA D 39 -16.69 -2.25 20.75
C ALA D 39 -15.91 -1.80 21.99
N ALA D 40 -14.80 -2.47 22.30
CA ALA D 40 -14.02 -2.12 23.48
C ALA D 40 -13.22 -0.85 23.25
N ARG D 41 -13.80 0.28 23.64
CA ARG D 41 -13.16 1.58 23.51
C ARG D 41 -12.59 1.84 22.12
N GLY D 42 -13.33 1.47 21.08
CA GLY D 42 -12.87 1.70 19.72
C GLY D 42 -11.91 0.68 19.16
N LYS D 43 -11.32 -0.14 20.03
CA LYS D 43 -10.38 -1.16 19.58
C LYS D 43 -10.69 -2.58 20.02
N GLY D 44 -11.33 -3.35 19.15
CA GLY D 44 -11.65 -4.73 19.47
C GLY D 44 -12.89 -4.96 20.31
N LEU D 45 -12.95 -6.13 20.92
CA LEU D 45 -14.08 -6.56 21.72
C LEU D 45 -13.58 -7.30 22.97
N ASP D 46 -14.23 -7.07 24.10
CA ASP D 46 -13.86 -7.74 25.34
C ASP D 46 -15.11 -8.18 26.09
N ARG D 47 -14.93 -8.91 27.19
CA ARG D 47 -16.05 -9.39 27.98
C ARG D 47 -17.15 -8.37 28.26
N ARG D 48 -16.77 -7.19 28.77
CA ARG D 48 -17.77 -6.17 29.07
C ARG D 48 -18.57 -5.72 27.85
N SER D 49 -17.87 -5.21 26.84
CA SER D 49 -18.55 -4.73 25.63
C SER D 49 -19.40 -5.83 25.00
N TYR D 50 -18.89 -7.05 24.97
CA TYR D 50 -19.65 -8.15 24.42
C TYR D 50 -20.96 -8.33 25.19
N ARG D 51 -20.84 -8.43 26.51
CA ARG D 51 -22.00 -8.62 27.37
C ARG D 51 -23.04 -7.53 27.16
N LEU D 52 -22.58 -6.28 27.13
CA LEU D 52 -23.49 -5.16 26.92
C LEU D 52 -24.27 -5.33 25.61
N LEU D 53 -23.61 -5.85 24.58
CA LEU D 53 -24.27 -6.06 23.28
C LEU D 53 -25.35 -7.14 23.36
N ARG D 54 -25.06 -8.26 24.02
CA ARG D 54 -26.04 -9.33 24.13
C ARG D 54 -27.24 -8.83 24.93
N GLU D 55 -26.97 -8.18 26.06
CA GLU D 55 -28.03 -7.64 26.92
C GLU D 55 -28.89 -6.64 26.18
N ALA D 56 -28.28 -5.88 25.27
CA ALA D 56 -29.03 -4.90 24.48
C ALA D 56 -29.97 -5.63 23.52
N GLY D 57 -29.67 -6.90 23.25
CA GLY D 57 -30.51 -7.67 22.35
C GLY D 57 -29.81 -8.13 21.07
N VAL D 58 -28.48 -8.20 21.08
CA VAL D 58 -27.75 -8.65 19.91
C VAL D 58 -27.55 -10.16 20.02
N ASP D 59 -27.90 -10.88 18.96
CA ASP D 59 -27.79 -12.33 18.94
C ASP D 59 -26.44 -12.86 18.47
N LEU D 60 -25.72 -12.04 17.71
CA LEU D 60 -24.41 -12.45 17.19
C LEU D 60 -23.52 -11.24 16.95
N VAL D 61 -22.22 -11.39 17.25
CA VAL D 61 -21.27 -10.31 17.09
C VAL D 61 -20.12 -10.69 16.15
N SER D 62 -19.84 -9.83 15.18
CA SER D 62 -18.77 -10.06 14.21
C SER D 62 -17.64 -9.05 14.45
N LEU D 63 -16.42 -9.38 14.00
CA LEU D 63 -15.28 -8.50 14.21
C LEU D 63 -14.64 -7.97 12.94
N GLY D 64 -13.37 -8.32 12.73
CA GLY D 64 -12.65 -7.86 11.57
C GLY D 64 -11.16 -7.75 11.85
N ASN D 65 -10.51 -6.72 11.33
CA ASN D 65 -9.07 -6.58 11.56
C ASN D 65 -8.69 -6.36 13.03
N HIS D 66 -9.53 -5.65 13.79
CA HIS D 66 -9.25 -5.39 15.21
C HIS D 66 -9.66 -6.54 16.13
N ALA D 67 -10.06 -7.67 15.55
CA ALA D 67 -10.49 -8.82 16.34
C ALA D 67 -9.55 -9.24 17.47
N TRP D 68 -8.25 -9.24 17.19
CA TRP D 68 -7.27 -9.70 18.17
C TRP D 68 -6.75 -8.63 19.13
N ASP D 69 -7.41 -7.48 19.16
CA ASP D 69 -6.99 -6.38 20.02
C ASP D 69 -7.06 -6.62 21.53
N HIS D 70 -7.94 -7.52 21.97
CA HIS D 70 -8.07 -7.83 23.40
C HIS D 70 -8.05 -9.35 23.53
N LYS D 71 -7.16 -9.92 24.33
CA LYS D 71 -7.14 -11.36 24.42
C LYS D 71 -8.40 -11.96 25.05
N GLU D 72 -9.25 -11.12 25.64
CA GLU D 72 -10.49 -11.62 26.21
C GLU D 72 -11.37 -12.16 25.09
N VAL D 73 -11.04 -11.82 23.85
CA VAL D 73 -11.81 -12.26 22.69
C VAL D 73 -11.72 -13.76 22.46
N TYR D 74 -10.56 -14.34 22.73
CA TYR D 74 -10.40 -15.76 22.49
C TYR D 74 -11.47 -16.58 23.19
N ALA D 75 -11.62 -16.39 24.50
CA ALA D 75 -12.64 -17.13 25.24
C ALA D 75 -13.98 -16.91 24.56
N LEU D 76 -14.28 -15.66 24.23
CA LEU D 76 -15.53 -15.30 23.58
C LEU D 76 -15.69 -16.02 22.24
N LEU D 77 -14.58 -16.22 21.55
CA LEU D 77 -14.61 -16.88 20.25
C LEU D 77 -14.91 -18.37 20.31
N GLU D 78 -14.57 -19.02 21.41
CA GLU D 78 -14.81 -20.45 21.51
C GLU D 78 -15.99 -20.90 22.36
N SER D 79 -16.93 -19.99 22.63
CA SER D 79 -18.09 -20.37 23.44
C SER D 79 -19.27 -19.41 23.28
N GLU D 80 -19.05 -18.30 22.59
CA GLU D 80 -20.11 -17.32 22.40
C GLU D 80 -20.40 -17.05 20.93
N PRO D 81 -21.56 -16.45 20.64
CA PRO D 81 -21.92 -16.14 19.25
C PRO D 81 -21.12 -14.94 18.79
N VAL D 82 -19.83 -15.20 18.55
CA VAL D 82 -18.87 -14.20 18.09
C VAL D 82 -18.08 -14.85 16.96
N VAL D 83 -18.03 -14.22 15.80
CA VAL D 83 -17.28 -14.78 14.66
C VAL D 83 -16.27 -13.78 14.12
N ARG D 84 -15.17 -14.30 13.59
CA ARG D 84 -14.13 -13.48 13.00
C ARG D 84 -14.13 -13.74 11.49
N PRO D 85 -13.42 -12.90 10.71
CA PRO D 85 -13.38 -13.08 9.27
C PRO D 85 -13.08 -14.52 8.84
N LEU D 86 -13.92 -15.02 7.94
CA LEU D 86 -13.81 -16.38 7.42
C LEU D 86 -12.48 -16.67 6.74
N ASN D 87 -11.97 -15.71 5.97
CA ASN D 87 -10.74 -15.96 5.22
C ASN D 87 -9.38 -15.84 5.91
N TYR D 88 -9.34 -16.06 7.23
CA TYR D 88 -8.06 -16.05 7.92
C TYR D 88 -7.48 -17.42 7.61
N PRO D 89 -6.19 -17.63 7.89
CA PRO D 89 -5.57 -18.93 7.59
C PRO D 89 -6.00 -20.07 8.52
N PRO D 90 -5.73 -21.33 8.10
CA PRO D 90 -6.09 -22.51 8.88
C PRO D 90 -5.49 -22.46 10.27
N GLY D 91 -6.29 -22.83 11.27
CA GLY D 91 -5.82 -22.81 12.64
C GLY D 91 -6.12 -21.52 13.38
N THR D 92 -6.83 -20.61 12.74
CA THR D 92 -7.18 -19.34 13.35
C THR D 92 -8.31 -19.53 14.37
N PRO D 93 -8.12 -19.03 15.60
CA PRO D 93 -9.14 -19.16 16.65
C PRO D 93 -10.53 -18.71 16.22
N GLY D 94 -11.55 -19.34 16.80
CA GLY D 94 -12.91 -18.97 16.49
C GLY D 94 -13.44 -19.52 15.18
N LYS D 95 -14.72 -19.30 14.94
CA LYS D 95 -15.38 -19.78 13.72
C LYS D 95 -15.39 -18.65 12.72
N GLY D 96 -15.51 -19.00 11.44
CA GLY D 96 -15.55 -18.01 10.39
C GLY D 96 -16.99 -17.69 10.01
N PHE D 97 -17.93 -18.40 10.62
CA PHE D 97 -19.35 -18.21 10.33
C PHE D 97 -20.21 -18.69 11.50
N TRP D 98 -21.52 -18.48 11.41
CA TRP D 98 -22.42 -18.88 12.47
C TRP D 98 -23.85 -19.07 11.97
N ARG D 99 -24.51 -20.12 12.46
CA ARG D 99 -25.89 -20.42 12.08
C ARG D 99 -26.91 -19.89 13.09
N LEU D 100 -27.85 -19.10 12.60
CA LEU D 100 -28.89 -18.54 13.45
C LEU D 100 -30.22 -19.21 13.12
N GLU D 101 -30.91 -19.67 14.16
CA GLU D 101 -32.19 -20.35 13.98
C GLU D 101 -33.33 -19.52 14.54
N VAL D 102 -34.31 -19.21 13.69
CA VAL D 102 -35.46 -18.43 14.12
C VAL D 102 -36.76 -19.00 13.56
N GLY D 103 -37.44 -19.78 14.40
CA GLY D 103 -38.70 -20.39 13.99
C GLY D 103 -38.61 -21.31 12.80
N GLY D 104 -37.74 -22.32 12.89
CA GLY D 104 -37.59 -23.26 11.80
C GLY D 104 -36.68 -22.74 10.70
N GLU D 105 -36.81 -21.47 10.36
CA GLU D 105 -35.99 -20.84 9.33
C GLU D 105 -34.56 -20.67 9.84
N SER D 106 -33.59 -20.95 8.96
CA SER D 106 -32.19 -20.82 9.34
C SER D 106 -31.50 -19.70 8.57
N LEU D 107 -30.57 -19.03 9.23
CA LEU D 107 -29.81 -17.93 8.62
C LEU D 107 -28.32 -18.14 8.81
N LEU D 108 -27.61 -18.39 7.72
CA LEU D 108 -26.17 -18.57 7.80
C LEU D 108 -25.49 -17.21 7.67
N PHE D 109 -24.77 -16.81 8.70
CA PHE D 109 -24.07 -15.53 8.66
C PHE D 109 -22.60 -15.76 8.38
N VAL D 110 -22.04 -14.96 7.48
CA VAL D 110 -20.64 -15.10 7.12
C VAL D 110 -19.95 -13.77 7.04
N GLN D 111 -18.77 -13.67 7.63
CA GLN D 111 -18.01 -12.44 7.55
C GLN D 111 -16.76 -12.70 6.72
N VAL D 112 -16.51 -11.84 5.76
CA VAL D 112 -15.33 -11.98 4.93
C VAL D 112 -14.59 -10.65 4.94
N MET D 113 -13.27 -10.72 4.81
CA MET D 113 -12.45 -9.53 4.81
C MET D 113 -11.81 -9.28 3.46
N GLY D 114 -11.86 -8.04 2.99
CA GLY D 114 -11.25 -7.69 1.71
C GLY D 114 -9.73 -7.67 1.85
N ARG D 115 -9.01 -7.67 0.72
CA ARG D 115 -7.56 -7.66 0.77
C ARG D 115 -6.92 -6.38 0.21
N ILE D 116 -7.67 -5.62 -0.58
CA ILE D 116 -7.15 -4.38 -1.15
C ILE D 116 -6.96 -3.34 -0.07
N PHE D 117 -5.76 -2.77 0.01
CA PHE D 117 -5.46 -1.75 1.02
C PHE D 117 -5.58 -2.32 2.42
N MET D 118 -5.46 -3.65 2.52
CA MET D 118 -5.55 -4.32 3.79
C MET D 118 -4.49 -5.41 3.83
N ASP D 119 -4.61 -6.34 4.76
CA ASP D 119 -3.61 -7.39 4.89
C ASP D 119 -3.81 -8.57 3.93
N PRO D 120 -2.73 -9.31 3.66
CA PRO D 120 -2.74 -10.46 2.76
C PRO D 120 -3.43 -11.67 3.41
N LEU D 121 -4.74 -11.82 3.22
CA LEU D 121 -5.43 -12.96 3.79
C LEU D 121 -5.77 -13.95 2.67
N ASP D 122 -6.43 -15.04 3.03
CA ASP D 122 -6.82 -16.03 2.03
C ASP D 122 -7.81 -15.43 1.04
N ASP D 123 -7.90 -16.06 -0.14
CA ASP D 123 -8.82 -15.63 -1.19
C ASP D 123 -10.26 -15.69 -0.65
N PRO D 124 -10.88 -14.53 -0.43
CA PRO D 124 -12.25 -14.43 0.09
C PRO D 124 -13.32 -15.00 -0.85
N PHE D 125 -13.08 -14.89 -2.16
CA PHE D 125 -14.01 -15.39 -3.16
C PHE D 125 -14.15 -16.91 -3.10
N ARG D 126 -13.02 -17.61 -3.17
CA ARG D 126 -13.03 -19.06 -3.11
C ARG D 126 -13.30 -19.55 -1.69
N ALA D 127 -13.01 -18.69 -0.71
CA ALA D 127 -13.26 -19.03 0.68
C ALA D 127 -14.77 -19.19 0.82
N LEU D 128 -15.54 -18.23 0.30
CA LEU D 128 -16.99 -18.33 0.38
C LEU D 128 -17.45 -19.56 -0.41
N ASP D 129 -16.80 -19.82 -1.55
CA ASP D 129 -17.15 -20.97 -2.40
C ASP D 129 -17.15 -22.25 -1.59
N ARG D 130 -16.05 -22.48 -0.89
CA ARG D 130 -15.94 -23.70 -0.10
C ARG D 130 -17.00 -23.76 1.02
N LEU D 131 -17.25 -22.63 1.67
CA LEU D 131 -18.23 -22.56 2.75
C LEU D 131 -19.66 -22.80 2.25
N LEU D 132 -20.14 -21.91 1.37
CA LEU D 132 -21.49 -22.03 0.83
C LEU D 132 -21.72 -23.38 0.15
N GLU D 133 -20.65 -24.15 0.02
CA GLU D 133 -20.75 -25.46 -0.60
C GLU D 133 -21.02 -26.50 0.49
N GLU D 134 -20.37 -26.31 1.64
CA GLU D 134 -20.51 -27.24 2.76
C GLU D 134 -21.33 -26.67 3.91
N GLU D 135 -22.23 -25.74 3.62
CA GLU D 135 -23.09 -25.12 4.64
C GLU D 135 -24.32 -24.53 3.96
N LYS D 136 -25.49 -25.10 4.24
CA LYS D 136 -26.74 -24.63 3.65
C LYS D 136 -27.66 -24.01 4.69
N ALA D 137 -28.61 -23.22 4.24
CA ALA D 137 -29.56 -22.55 5.13
C ALA D 137 -30.61 -21.81 4.30
N ASP D 138 -31.77 -21.58 4.88
CA ASP D 138 -32.84 -20.88 4.19
C ASP D 138 -32.36 -19.54 3.68
N TYR D 139 -31.52 -18.88 4.46
CA TYR D 139 -31.00 -17.58 4.07
C TYR D 139 -29.51 -17.47 4.32
N VAL D 140 -28.84 -16.65 3.52
CA VAL D 140 -27.41 -16.44 3.66
C VAL D 140 -27.08 -14.95 3.70
N LEU D 141 -26.46 -14.54 4.79
CA LEU D 141 -26.07 -13.15 4.97
C LEU D 141 -24.55 -13.08 5.03
N VAL D 142 -23.97 -12.34 4.09
CA VAL D 142 -22.52 -12.19 4.07
C VAL D 142 -22.15 -10.75 4.33
N GLU D 143 -21.24 -10.54 5.28
CA GLU D 143 -20.76 -9.21 5.60
C GLU D 143 -19.39 -9.11 4.97
N VAL D 144 -19.15 -8.03 4.25
CA VAL D 144 -17.85 -7.82 3.64
C VAL D 144 -17.17 -6.66 4.32
N HIS D 145 -16.18 -6.98 5.13
CA HIS D 145 -15.40 -5.99 5.84
C HIS D 145 -14.21 -5.64 4.95
N ALA D 146 -14.31 -4.57 4.18
CA ALA D 146 -13.22 -4.19 3.30
C ALA D 146 -13.14 -2.70 3.05
N GLU D 147 -12.00 -2.27 2.51
CA GLU D 147 -11.74 -0.87 2.21
C GLU D 147 -12.16 -0.45 0.79
N ALA D 148 -11.75 -1.23 -0.20
CA ALA D 148 -12.05 -0.91 -1.60
C ALA D 148 -13.50 -1.19 -2.00
N THR D 149 -14.20 -0.18 -2.51
CA THR D 149 -15.58 -0.39 -2.92
C THR D 149 -15.67 -1.36 -4.09
N SER D 150 -14.61 -1.45 -4.90
CA SER D 150 -14.63 -2.37 -6.03
C SER D 150 -14.62 -3.82 -5.52
N GLU D 151 -13.85 -4.10 -4.48
CA GLU D 151 -13.77 -5.45 -3.93
C GLU D 151 -15.12 -5.88 -3.33
N LYS D 152 -15.81 -4.94 -2.70
CA LYS D 152 -17.12 -5.24 -2.12
C LYS D 152 -18.11 -5.59 -3.23
N MET D 153 -18.14 -4.75 -4.27
CA MET D 153 -19.06 -4.97 -5.38
C MET D 153 -18.77 -6.25 -6.14
N ALA D 154 -17.50 -6.63 -6.21
CA ALA D 154 -17.10 -7.85 -6.89
C ALA D 154 -17.54 -9.04 -6.06
N LEU D 155 -17.31 -8.96 -4.76
CA LEU D 155 -17.72 -10.04 -3.86
C LEU D 155 -19.23 -10.19 -3.92
N ALA D 156 -19.93 -9.07 -3.96
CA ALA D 156 -21.38 -9.06 -4.02
C ALA D 156 -21.88 -9.74 -5.30
N HIS D 157 -21.36 -9.32 -6.46
CA HIS D 157 -21.76 -9.91 -7.73
C HIS D 157 -21.44 -11.39 -7.77
N TYR D 158 -20.28 -11.75 -7.25
CA TYR D 158 -19.86 -13.15 -7.22
C TYR D 158 -20.82 -14.01 -6.40
N LEU D 159 -21.48 -13.37 -5.43
CA LEU D 159 -22.42 -14.06 -4.54
C LEU D 159 -23.88 -13.87 -4.98
N ASP D 160 -24.10 -13.00 -5.96
CA ASP D 160 -25.44 -12.73 -6.47
C ASP D 160 -26.15 -14.03 -6.83
N GLY D 161 -27.35 -14.20 -6.30
CA GLY D 161 -28.10 -15.41 -6.57
C GLY D 161 -27.73 -16.50 -5.58
N ARG D 162 -26.77 -16.22 -4.70
CA ARG D 162 -26.36 -17.20 -3.69
C ARG D 162 -26.65 -16.68 -2.28
N ALA D 163 -26.25 -15.45 -2.00
CA ALA D 163 -26.50 -14.86 -0.70
C ALA D 163 -27.83 -14.14 -0.81
N SER D 164 -28.53 -14.03 0.31
CA SER D 164 -29.82 -13.34 0.32
C SER D 164 -29.49 -11.87 0.26
N ALA D 165 -28.36 -11.52 0.89
CA ALA D 165 -27.89 -10.15 0.93
C ALA D 165 -26.43 -10.10 1.35
N VAL D 166 -25.74 -9.04 0.94
CA VAL D 166 -24.34 -8.87 1.27
C VAL D 166 -24.22 -7.44 1.74
N LEU D 167 -23.66 -7.24 2.93
CA LEU D 167 -23.52 -5.91 3.50
C LEU D 167 -22.05 -5.60 3.79
N GLY D 168 -21.62 -4.38 3.44
CA GLY D 168 -20.24 -4.01 3.68
C GLY D 168 -20.02 -3.16 4.91
N THR D 169 -18.86 -3.33 5.54
CA THR D 169 -18.50 -2.56 6.72
C THR D 169 -17.04 -2.11 6.57
N HIS D 170 -16.54 -1.40 7.58
CA HIS D 170 -15.16 -0.88 7.63
C HIS D 170 -15.03 0.58 7.19
N THR D 171 -15.96 1.03 6.35
CA THR D 171 -15.95 2.41 5.85
C THR D 171 -16.35 3.43 6.92
N HIS D 172 -17.20 3.02 7.86
CA HIS D 172 -17.65 3.88 8.94
C HIS D 172 -18.59 5.00 8.46
N VAL D 173 -18.96 4.95 7.18
CA VAL D 173 -19.87 5.95 6.62
C VAL D 173 -20.99 5.23 5.86
N PRO D 174 -22.25 5.49 6.24
CA PRO D 174 -23.42 4.87 5.61
C PRO D 174 -23.52 5.30 4.14
N THR D 175 -23.74 4.32 3.27
CA THR D 175 -23.87 4.61 1.84
C THR D 175 -25.33 4.54 1.40
N LEU D 176 -25.68 5.33 0.38
CA LEU D 176 -27.04 5.33 -0.13
C LEU D 176 -27.10 4.57 -1.44
N ASP D 177 -26.85 3.27 -1.37
CA ASP D 177 -26.88 2.46 -2.56
C ASP D 177 -27.48 1.09 -2.27
N ALA D 178 -28.38 1.02 -1.29
CA ALA D 178 -29.03 -0.24 -0.97
C ALA D 178 -29.84 -0.59 -2.21
N THR D 179 -29.75 -1.83 -2.67
CA THR D 179 -30.46 -2.28 -3.86
C THR D 179 -30.51 -3.80 -3.99
N ARG D 180 -31.08 -4.26 -5.11
CA ARG D 180 -31.19 -5.68 -5.43
C ARG D 180 -30.29 -5.95 -6.62
N LEU D 181 -29.42 -6.95 -6.51
CA LEU D 181 -28.53 -7.28 -7.63
C LEU D 181 -29.35 -8.01 -8.69
N PRO D 182 -28.79 -8.16 -9.91
CA PRO D 182 -29.47 -8.83 -11.02
C PRO D 182 -30.19 -10.13 -10.64
N LYS D 183 -29.51 -11.01 -9.91
CA LYS D 183 -30.08 -12.28 -9.51
C LYS D 183 -30.78 -12.29 -8.14
N GLY D 184 -31.20 -11.11 -7.67
CA GLY D 184 -31.91 -11.02 -6.41
C GLY D 184 -31.18 -10.62 -5.14
N THR D 185 -29.90 -10.98 -5.02
CA THR D 185 -29.13 -10.65 -3.81
C THR D 185 -29.19 -9.17 -3.44
N LEU D 186 -29.55 -8.89 -2.19
CA LEU D 186 -29.64 -7.51 -1.71
C LEU D 186 -28.23 -6.98 -1.39
N TYR D 187 -28.01 -5.68 -1.55
CA TYR D 187 -26.68 -5.12 -1.30
C TYR D 187 -26.59 -3.63 -0.97
N GLN D 188 -25.61 -3.27 -0.15
CA GLN D 188 -25.33 -1.89 0.25
C GLN D 188 -23.82 -1.84 0.52
N THR D 189 -23.13 -0.86 -0.05
CA THR D 189 -21.68 -0.75 0.10
C THR D 189 -21.20 -0.66 1.55
N ASP D 190 -21.84 0.17 2.37
CA ASP D 190 -21.43 0.29 3.77
C ASP D 190 -22.59 0.67 4.68
N VAL D 191 -22.83 -0.18 5.68
CA VAL D 191 -23.90 0.01 6.66
C VAL D 191 -23.74 1.29 7.47
N GLY D 192 -22.50 1.65 7.77
CA GLY D 192 -22.24 2.85 8.55
C GLY D 192 -21.81 2.53 9.98
N MET D 193 -21.29 3.52 10.66
CA MET D 193 -20.80 3.35 12.03
C MET D 193 -21.86 3.72 13.08
N THR D 194 -21.85 2.99 14.19
CA THR D 194 -22.76 3.28 15.29
C THR D 194 -21.92 3.86 16.42
N GLY D 195 -22.00 5.18 16.56
CA GLY D 195 -21.26 5.89 17.58
C GLY D 195 -21.36 7.38 17.34
N THR D 196 -20.51 8.16 18.00
CA THR D 196 -20.56 9.61 17.83
C THR D 196 -19.91 10.01 16.52
N TYR D 197 -20.59 10.87 15.77
CA TYR D 197 -20.07 11.35 14.50
C TYR D 197 -19.33 12.68 14.68
N HIS D 198 -19.32 13.17 15.91
CA HIS D 198 -18.60 14.40 16.24
C HIS D 198 -17.19 13.88 16.46
N SER D 199 -16.60 13.40 15.38
CA SER D 199 -15.26 12.84 15.41
C SER D 199 -14.91 12.50 13.98
N ILE D 200 -13.76 11.86 13.82
CA ILE D 200 -13.36 11.41 12.51
C ILE D 200 -13.15 9.91 12.63
N ILE D 201 -14.09 9.15 12.09
CA ILE D 201 -14.03 7.69 12.13
C ILE D 201 -14.12 7.19 13.56
N GLY D 202 -14.79 7.96 14.41
CA GLY D 202 -14.94 7.58 15.81
C GLY D 202 -13.82 8.04 16.71
N GLY D 203 -12.78 8.64 16.14
CA GLY D 203 -11.69 9.12 16.94
C GLY D 203 -11.75 10.62 17.13
N GLU D 204 -11.16 11.12 18.20
CA GLU D 204 -11.16 12.56 18.44
C GLU D 204 -10.66 13.26 17.19
N VAL D 205 -11.30 14.39 16.86
CA VAL D 205 -10.92 15.14 15.68
C VAL D 205 -9.47 15.60 15.77
N GLU D 206 -9.10 16.16 16.92
CA GLU D 206 -7.75 16.69 17.15
C GLU D 206 -6.64 15.67 16.96
N THR D 207 -6.82 14.48 17.52
CA THR D 207 -5.83 13.43 17.41
C THR D 207 -5.57 13.10 15.95
N PHE D 208 -6.63 12.83 15.21
CA PHE D 208 -6.51 12.49 13.79
C PHE D 208 -5.93 13.65 12.98
N LEU D 209 -6.33 14.87 13.31
CA LEU D 209 -5.82 16.04 12.61
C LEU D 209 -4.31 16.07 12.79
N ALA D 210 -3.86 15.89 14.04
CA ALA D 210 -2.44 15.89 14.35
C ALA D 210 -1.67 14.87 13.51
N ARG D 211 -2.27 13.69 13.30
CA ARG D 211 -1.62 12.64 12.50
C ARG D 211 -1.35 13.07 11.07
N PHE D 212 -2.37 13.64 10.42
CA PHE D 212 -2.23 14.08 9.03
C PHE D 212 -1.35 15.32 8.89
N LEU D 213 -1.37 16.17 9.91
CA LEU D 213 -0.58 17.39 9.86
C LEU D 213 0.90 17.22 10.21
N THR D 214 1.19 16.35 11.18
CA THR D 214 2.57 16.14 11.59
C THR D 214 3.24 14.93 10.94
N GLY D 215 2.42 13.95 10.55
CA GLY D 215 2.97 12.74 9.95
C GLY D 215 3.65 11.90 11.02
N ARG D 216 3.43 12.28 12.27
CA ARG D 216 4.00 11.59 13.42
C ARG D 216 2.92 10.86 14.21
N PRO D 217 3.32 9.79 14.93
CA PRO D 217 2.47 8.93 15.76
C PRO D 217 1.55 9.64 16.75
N GLN D 218 0.29 9.22 16.80
CA GLN D 218 -0.68 9.80 17.73
C GLN D 218 -1.58 8.66 18.22
N PRO D 219 -1.41 8.23 19.48
CA PRO D 219 -2.23 7.14 20.00
C PRO D 219 -3.71 7.44 19.82
N PHE D 220 -4.49 6.39 19.54
CA PHE D 220 -5.92 6.54 19.35
C PHE D 220 -6.66 6.93 20.63
N ARG D 221 -7.60 7.87 20.48
CA ARG D 221 -8.41 8.35 21.58
C ARG D 221 -9.85 8.37 21.08
N ALA D 222 -10.68 7.54 21.69
CA ALA D 222 -12.09 7.46 21.30
C ALA D 222 -12.81 8.77 21.57
N ALA D 223 -13.47 9.32 20.56
CA ALA D 223 -14.21 10.55 20.73
C ALA D 223 -15.44 10.32 21.62
N GLN D 224 -15.92 11.39 22.24
CA GLN D 224 -17.10 11.30 23.09
C GLN D 224 -18.14 12.27 22.56
N GLY D 225 -19.41 11.94 22.75
CA GLY D 225 -20.46 12.81 22.26
C GLY D 225 -21.72 12.06 21.92
N LYS D 226 -22.71 12.79 21.41
CA LYS D 226 -23.98 12.21 21.03
C LYS D 226 -23.73 11.15 19.97
N ALA D 227 -24.36 10.00 20.15
CA ALA D 227 -24.20 8.90 19.22
C ALA D 227 -25.30 8.91 18.17
N ARG D 228 -25.05 8.22 17.06
CA ARG D 228 -25.99 8.12 15.96
C ARG D 228 -26.01 6.65 15.53
N PHE D 229 -27.03 5.94 15.99
CA PHE D 229 -27.25 4.51 15.72
C PHE D 229 -27.44 4.25 14.22
N HIS D 230 -26.58 3.39 13.65
CA HIS D 230 -26.66 3.05 12.22
C HIS D 230 -26.80 1.55 12.01
N ALA D 231 -27.80 1.15 11.24
CA ALA D 231 -28.05 -0.25 10.95
C ALA D 231 -28.82 -0.40 9.65
N THR D 232 -29.05 -1.63 9.23
CA THR D 232 -29.79 -1.89 8.00
C THR D 232 -30.73 -3.08 8.20
N GLU D 233 -31.99 -2.87 7.86
CA GLU D 233 -33.02 -3.90 8.03
C GLU D 233 -33.12 -4.82 6.83
N LEU D 234 -33.12 -6.12 7.10
CA LEU D 234 -33.21 -7.12 6.06
C LEU D 234 -34.44 -8.00 6.22
N VAL D 235 -35.26 -8.05 5.17
CA VAL D 235 -36.46 -8.86 5.21
C VAL D 235 -36.37 -10.05 4.25
N PHE D 236 -36.14 -11.23 4.81
CA PHE D 236 -36.05 -12.45 4.04
C PHE D 236 -37.32 -13.25 4.31
N GLU D 237 -38.00 -13.69 3.26
CA GLU D 237 -39.23 -14.46 3.42
C GLU D 237 -39.44 -15.43 2.26
N GLY D 238 -40.08 -16.55 2.55
CA GLY D 238 -40.34 -17.54 1.52
C GLY D 238 -39.08 -18.00 0.84
N GLY D 239 -37.96 -17.92 1.54
CA GLY D 239 -36.68 -18.33 0.98
C GLY D 239 -36.08 -17.31 0.03
N ARG D 240 -36.78 -16.19 -0.14
CA ARG D 240 -36.32 -15.13 -1.04
C ARG D 240 -36.17 -13.76 -0.39
N PRO D 241 -35.08 -13.04 -0.72
CA PRO D 241 -34.79 -11.71 -0.18
C PRO D 241 -35.85 -10.73 -0.67
N VAL D 242 -36.57 -10.12 0.26
CA VAL D 242 -37.63 -9.20 -0.09
C VAL D 242 -37.30 -7.72 0.00
N ALA D 243 -36.68 -7.30 1.11
CA ALA D 243 -36.35 -5.89 1.28
C ALA D 243 -35.07 -5.60 2.04
N ILE D 244 -34.58 -4.37 1.91
CA ILE D 244 -33.38 -3.92 2.60
C ILE D 244 -33.58 -2.43 2.84
N SER D 245 -33.46 -2.01 4.09
CA SER D 245 -33.67 -0.61 4.40
C SER D 245 -32.69 -0.06 5.44
N PRO D 246 -31.86 0.90 5.03
CA PRO D 246 -30.90 1.47 5.97
C PRO D 246 -31.75 2.09 7.09
N TYR D 247 -31.21 2.13 8.30
CA TYR D 247 -31.94 2.68 9.43
C TYR D 247 -31.07 3.64 10.22
N VAL D 248 -31.65 4.75 10.68
CA VAL D 248 -30.92 5.75 11.45
C VAL D 248 -31.68 6.21 12.68
N TRP D 249 -30.95 6.38 13.78
CA TRP D 249 -31.53 6.85 15.03
C TRP D 249 -30.50 7.72 15.72
N GLU D 250 -30.83 8.99 15.90
CA GLU D 250 -29.92 9.93 16.55
C GLU D 250 -30.21 9.97 18.03
N GLU D 251 -29.15 9.94 18.84
CA GLU D 251 -29.32 9.98 20.29
C GLU D 251 -29.78 11.35 20.74
N PRO D 252 -30.88 11.40 21.51
CA PRO D 252 -31.43 12.67 22.00
C PRO D 252 -30.48 13.34 22.99
CO CO E . 9.16 -8.22 -10.51
CO CO F . 34.37 -16.40 -14.93
CO CO G . 15.36 -22.09 11.15
CO CO H . 13.35 1.90 9.14
CO CO I . 39.39 -4.88 10.96
CO CO J . 23.40 10.86 -13.86
CO CO K . 19.43 -0.73 6.99
CO CO L . -10.34 8.42 -9.07
CO CO M . -13.93 21.88 13.88
CO CO N . -16.95 9.42 -6.88
CO CO O . -24.27 -10.91 -11.39
CO CO P . -37.88 4.35 15.84
CO CO Q . -12.27 -2.15 10.43
#